data_3I1K
#
_entry.id   3I1K
#
_cell.length_a   156.307
_cell.length_b   104.528
_cell.length_c   97.473
_cell.angle_alpha   90.00
_cell.angle_beta   95.79
_cell.angle_gamma   90.00
#
_symmetry.space_group_name_H-M   'C 1 2 1'
#
loop_
_entity.id
_entity.type
_entity.pdbx_description
1 polymer 'Hemagglutinin-esterase protein'
2 non-polymer 'ACETIC ACID'
3 non-polymer 2-acetamido-2-deoxy-beta-D-glucopyranose
4 water water
#
_entity_poly.entity_id   1
_entity_poly.type   'polypeptide(L)'
_entity_poly.pdbx_seq_one_letter_code
;SKPITPHYGPGHITPDWCGFGDARSDCGNKHTPKSLDIPQELCPKFSSRTGSSMFISMHWNNGSGFDAFDYSNCGVEKVF
YEGVNFSPHRNYTCYQEGSSGWVSNKVGFYSKLYSMASTSRCIKLINLDPPTNFTNYRNGTCVGNGGTAKMPDNPQLVIF
DAVTKLSTQFVLPNSSDGVSCTKHLVPFCYIDGGCFEMSGVCHPFGYYYESPSFYHGFYTNGTAGLHSYICDYLEMKPGV
YNATTFGKFLIYPTKSYCMDTMNYTVPVQAVQSIWSENRQSDDAIGQACKSPYCIFYNKTKPYLAPNGADENHGDEEVRQ
MMQGLLVNSSCVSPQGSTPLALYSSEMIYIPNYGSCPQYYKLFETSSDENSDPLVPR
;
_entity_poly.pdbx_strand_id   A,B,C
#
# COMPACT_ATOMS: atom_id res chain seq x y z
N LYS A 2 -14.49 20.81 -61.29
CA LYS A 2 -15.42 20.30 -60.24
C LYS A 2 -14.94 20.69 -58.83
N PRO A 3 -15.83 21.23 -57.98
CA PRO A 3 -15.38 21.68 -56.66
C PRO A 3 -14.93 20.54 -55.73
N ILE A 4 -13.88 20.80 -54.95
CA ILE A 4 -13.26 19.76 -54.14
C ILE A 4 -13.86 19.78 -52.73
N THR A 5 -13.85 18.63 -52.07
CA THR A 5 -14.37 18.52 -50.73
C THR A 5 -13.21 18.30 -49.77
N PRO A 6 -13.05 19.20 -48.78
CA PRO A 6 -11.98 19.02 -47.81
C PRO A 6 -12.07 17.70 -47.09
N HIS A 7 -10.92 17.07 -46.87
CA HIS A 7 -10.81 15.90 -46.03
C HIS A 7 -10.72 16.33 -44.58
N TYR A 8 -11.79 16.08 -43.82
CA TYR A 8 -11.83 16.46 -42.42
C TYR A 8 -10.72 15.75 -41.65
N GLY A 9 -9.84 16.52 -41.02
CA GLY A 9 -8.71 15.96 -40.29
C GLY A 9 -7.45 16.78 -40.55
N PRO A 10 -6.35 16.48 -39.82
CA PRO A 10 -5.11 17.23 -40.02
C PRO A 10 -4.48 17.01 -41.39
N GLY A 11 -3.50 17.85 -41.70
CA GLY A 11 -2.85 17.79 -43.02
C GLY A 11 -1.52 18.50 -43.04
N HIS A 12 -0.79 18.41 -44.16
CA HIS A 12 0.45 19.16 -44.30
C HIS A 12 0.67 19.62 -45.74
N ILE A 13 1.18 20.85 -45.88
CA ILE A 13 1.45 21.42 -47.20
C ILE A 13 2.93 21.32 -47.64
N THR A 14 3.85 21.00 -46.72
CA THR A 14 5.24 20.75 -47.13
C THR A 14 5.77 19.59 -46.28
N PRO A 15 6.95 19.03 -46.62
CA PRO A 15 7.50 17.91 -45.82
C PRO A 15 7.99 18.30 -44.42
N ASP A 16 8.13 19.58 -44.16
CA ASP A 16 8.60 20.00 -42.84
C ASP A 16 7.45 20.07 -41.83
N TRP A 17 7.02 18.90 -41.37
CA TRP A 17 5.91 18.83 -40.42
C TRP A 17 6.23 17.78 -39.42
N CYS A 18 5.64 17.85 -38.24
CA CYS A 18 5.91 16.85 -37.23
C CYS A 18 4.70 16.63 -36.37
N GLY A 19 4.76 15.55 -35.58
CA GLY A 19 3.69 15.21 -34.67
C GLY A 19 4.20 14.91 -33.26
N PHE A 20 3.27 15.00 -32.31
CA PHE A 20 3.51 14.74 -30.90
C PHE A 20 2.40 13.82 -30.41
N GLY A 21 2.75 12.75 -29.71
CA GLY A 21 1.74 11.75 -29.37
C GLY A 21 1.96 10.82 -28.21
N ASP A 22 1.12 9.79 -28.19
CA ASP A 22 1.14 8.72 -27.19
C ASP A 22 1.15 7.33 -27.85
N ALA A 23 0.69 6.29 -27.16
CA ALA A 23 0.63 4.90 -27.73
C ALA A 23 0.02 4.83 -29.13
N ARG A 24 -0.95 5.69 -29.40
CA ARG A 24 -1.72 5.64 -30.63
C ARG A 24 -0.95 6.16 -31.83
N SER A 25 0.27 6.64 -31.60
CA SER A 25 1.19 6.96 -32.67
C SER A 25 2.62 6.49 -32.34
N ASP A 26 2.73 5.46 -31.50
CA ASP A 26 4.00 4.95 -31.00
C ASP A 26 4.20 3.54 -31.57
N CYS A 27 5.03 3.43 -32.61
CA CYS A 27 5.32 2.15 -33.26
C CYS A 27 6.15 1.24 -32.34
N GLY A 28 6.75 1.79 -31.29
CA GLY A 28 7.40 0.96 -30.28
C GLY A 28 6.45 0.09 -29.45
N ASN A 29 5.15 0.36 -29.51
CA ASN A 29 4.18 -0.41 -28.73
C ASN A 29 4.10 -1.83 -29.30
N LYS A 30 4.03 -2.81 -28.40
CA LYS A 30 4.00 -4.22 -28.81
C LYS A 30 2.76 -4.60 -29.64
N HIS A 31 1.64 -3.88 -29.52
CA HIS A 31 0.45 -4.18 -30.33
C HIS A 31 0.40 -3.47 -31.68
N THR A 32 1.48 -2.76 -32.01
CA THR A 32 1.62 -2.10 -33.32
C THR A 32 1.51 -3.13 -34.44
N PRO A 33 0.72 -2.86 -35.51
CA PRO A 33 -0.01 -1.64 -35.86
C PRO A 33 -1.44 -1.58 -35.34
N LYS A 34 -1.93 -2.63 -34.68
CA LYS A 34 -3.33 -2.62 -34.25
C LYS A 34 -3.65 -1.49 -33.27
N SER A 35 -2.66 -1.11 -32.45
CA SER A 35 -2.82 -0.03 -31.45
C SER A 35 -2.68 1.40 -32.00
N LEU A 36 -2.38 1.54 -33.29
CA LEU A 36 -2.19 2.84 -33.90
C LEU A 36 -3.51 3.46 -34.33
N ASP A 37 -3.56 4.80 -34.24
CA ASP A 37 -4.60 5.63 -34.84
C ASP A 37 -4.08 6.42 -36.07
N ILE A 38 -2.76 6.40 -36.31
CA ILE A 38 -2.15 6.99 -37.50
C ILE A 38 -1.64 5.88 -38.44
N PRO A 39 -1.40 6.19 -39.73
CA PRO A 39 -0.72 5.18 -40.54
C PRO A 39 0.69 4.91 -40.02
N GLN A 40 1.09 3.66 -40.12
CA GLN A 40 2.35 3.18 -39.58
C GLN A 40 3.57 3.83 -40.25
N GLU A 41 3.49 4.05 -41.56
CA GLU A 41 4.53 4.75 -42.33
C GLU A 41 4.81 6.18 -41.77
N LEU A 42 3.83 6.77 -41.05
CA LEU A 42 4.02 8.09 -40.43
C LEU A 42 4.60 8.11 -39.01
N CYS A 43 4.79 6.96 -38.37
CA CYS A 43 5.41 6.94 -37.02
C CYS A 43 6.72 7.72 -36.92
N PRO A 44 7.62 7.60 -37.93
CA PRO A 44 8.88 8.36 -37.87
C PRO A 44 8.71 9.89 -37.82
N LYS A 45 7.51 10.38 -38.10
CA LYS A 45 7.22 11.81 -38.03
C LYS A 45 6.74 12.28 -36.64
N PHE A 46 6.41 11.34 -35.76
CA PHE A 46 5.87 11.64 -34.43
C PHE A 46 6.91 11.42 -33.32
N SER A 47 6.87 12.26 -32.31
CA SER A 47 7.59 12.06 -31.07
C SER A 47 6.54 11.61 -30.07
N SER A 48 6.54 10.32 -29.75
CA SER A 48 5.43 9.68 -29.06
C SER A 48 5.91 8.60 -28.12
N ARG A 49 5.24 8.46 -26.96
CA ARG A 49 5.47 7.31 -26.08
C ARG A 49 4.17 6.85 -25.42
N THR A 50 3.95 5.52 -25.47
CA THR A 50 2.86 4.82 -24.79
C THR A 50 2.76 5.26 -23.34
N GLY A 51 1.56 5.66 -22.91
CA GLY A 51 1.33 6.05 -21.53
C GLY A 51 1.61 7.52 -21.23
N SER A 52 2.27 8.25 -22.14
CA SER A 52 2.67 9.62 -21.82
C SER A 52 1.81 10.72 -22.46
N SER A 53 2.11 11.94 -22.06
CA SER A 53 1.55 13.14 -22.65
C SER A 53 2.54 14.25 -22.34
N MET A 54 2.46 15.31 -23.13
CA MET A 54 3.33 16.45 -22.94
C MET A 54 3.02 17.13 -21.61
N PHE A 55 1.78 17.02 -21.14
CA PHE A 55 1.43 17.58 -19.83
C PHE A 55 2.07 16.79 -18.67
N ILE A 56 2.02 15.47 -18.76
CA ILE A 56 2.62 14.63 -17.75
C ILE A 56 4.12 14.91 -17.71
N SER A 57 4.74 14.94 -18.88
CA SER A 57 6.20 15.07 -18.97
C SER A 57 6.70 16.45 -18.50
N MET A 58 5.84 17.46 -18.55
CA MET A 58 6.14 18.80 -18.00
C MET A 58 6.42 18.73 -16.50
N HIS A 59 5.62 17.92 -15.79
CA HIS A 59 5.56 17.95 -14.33
C HIS A 59 6.25 16.78 -13.58
N TRP A 60 6.33 15.61 -14.20
CA TRP A 60 6.76 14.40 -13.50
C TRP A 60 7.88 13.64 -14.20
N ASN A 61 8.82 13.16 -13.40
CA ASN A 61 9.70 12.07 -13.84
C ASN A 61 8.95 10.73 -13.87
N ASN A 62 9.61 9.70 -14.39
CA ASN A 62 9.05 8.31 -14.35
C ASN A 62 8.78 7.90 -12.91
N GLY A 63 7.61 7.30 -12.70
CA GLY A 63 7.35 6.66 -11.42
C GLY A 63 6.07 7.12 -10.78
N SER A 64 5.72 6.44 -9.70
CA SER A 64 4.46 6.65 -8.99
C SER A 64 3.25 6.73 -9.91
N GLY A 65 3.29 5.98 -11.01
CA GLY A 65 2.15 5.88 -11.94
C GLY A 65 2.23 6.82 -13.14
N PHE A 66 3.32 7.56 -13.28
CA PHE A 66 3.46 8.44 -14.42
C PHE A 66 4.50 7.84 -15.36
N ASP A 67 4.16 7.76 -16.64
CA ASP A 67 5.10 7.42 -17.70
C ASP A 67 5.54 8.73 -18.40
N ALA A 68 6.77 9.15 -18.15
CA ALA A 68 7.30 10.41 -18.64
C ALA A 68 8.08 10.14 -19.92
N PHE A 69 8.20 11.15 -20.77
CA PHE A 69 8.90 11.00 -22.04
C PHE A 69 9.58 12.31 -22.39
N ASP A 70 10.81 12.23 -22.87
CA ASP A 70 11.55 13.40 -23.38
C ASP A 70 11.11 13.76 -24.82
N TYR A 71 9.89 14.29 -24.92
CA TYR A 71 9.36 14.79 -26.20
C TYR A 71 10.33 15.78 -26.86
N SER A 72 10.45 15.64 -28.17
CA SER A 72 11.33 16.49 -28.95
C SER A 72 10.99 16.31 -30.42
N ASN A 73 10.64 17.40 -31.09
CA ASN A 73 10.47 17.35 -32.52
C ASN A 73 10.61 18.77 -33.13
N CYS A 74 10.66 18.85 -34.47
CA CYS A 74 10.74 20.11 -35.18
C CYS A 74 9.84 20.05 -36.40
N GLY A 75 9.07 21.09 -36.64
CA GLY A 75 8.25 21.18 -37.86
C GLY A 75 7.63 22.56 -37.91
N VAL A 76 7.55 23.14 -39.12
CA VAL A 76 6.85 24.39 -39.33
C VAL A 76 5.38 24.11 -39.03
N GLU A 77 4.88 22.99 -39.56
CA GLU A 77 3.52 22.47 -39.29
C GLU A 77 3.57 21.38 -38.22
N LYS A 78 2.60 21.43 -37.29
CA LYS A 78 2.59 20.56 -36.11
C LYS A 78 1.20 19.96 -35.90
N VAL A 79 1.18 18.64 -35.68
CA VAL A 79 -0.03 17.92 -35.31
C VAL A 79 0.13 17.35 -33.90
N PHE A 80 -0.73 17.76 -32.98
CA PHE A 80 -0.77 17.20 -31.63
C PHE A 80 -1.88 16.17 -31.49
N TYR A 81 -1.53 14.96 -31.08
CA TYR A 81 -2.53 13.94 -30.75
C TYR A 81 -2.15 13.22 -29.44
N GLU A 82 -2.33 13.94 -28.35
CA GLU A 82 -2.10 13.40 -27.01
C GLU A 82 -2.80 14.27 -26.00
N GLY A 83 -2.78 13.83 -24.75
CA GLY A 83 -3.51 14.51 -23.69
C GLY A 83 -4.30 13.54 -22.82
N VAL A 84 -4.76 12.44 -23.41
CA VAL A 84 -5.70 11.56 -22.71
C VAL A 84 -5.04 10.92 -21.51
N ASN A 85 -3.75 10.65 -21.54
CA ASN A 85 -3.13 9.99 -20.38
C ASN A 85 -3.16 10.77 -19.04
N PHE A 86 -3.56 12.06 -19.04
CA PHE A 86 -4.10 12.84 -17.83
C PHE A 86 -5.58 13.35 -17.96
N SER A 87 -6.54 12.45 -17.82
CA SER A 87 -7.95 12.77 -17.82
C SER A 87 -8.45 12.50 -16.40
N PRO A 88 -9.70 12.87 -16.07
CA PRO A 88 -10.28 12.55 -14.76
C PRO A 88 -10.23 11.04 -14.41
N HIS A 89 -10.18 10.18 -15.41
CA HIS A 89 -9.99 8.76 -15.19
C HIS A 89 -8.82 8.48 -14.23
N ARG A 90 -7.76 9.29 -14.31
CA ARG A 90 -6.60 9.10 -13.44
C ARG A 90 -6.93 9.21 -11.93
N ASN A 91 -8.01 9.91 -11.57
CA ASN A 91 -8.42 10.09 -10.17
C ASN A 91 -7.33 10.66 -9.28
N TYR A 92 -6.67 11.68 -9.81
CA TYR A 92 -5.55 12.29 -9.14
C TYR A 92 -5.98 13.62 -8.52
N THR A 93 -5.56 13.84 -7.28
CA THR A 93 -5.56 15.18 -6.68
C THR A 93 -4.36 15.27 -5.74
N CYS A 94 -3.81 16.47 -5.56
CA CYS A 94 -2.64 16.68 -4.69
C CYS A 94 -3.05 17.38 -3.41
N TYR A 95 -3.81 18.48 -3.54
CA TYR A 95 -4.55 19.01 -2.38
C TYR A 95 -6.04 18.75 -2.62
N GLN A 96 -6.93 19.74 -2.44
CA GLN A 96 -8.37 19.53 -2.55
C GLN A 96 -8.94 20.03 -3.87
N GLU A 97 -8.10 20.30 -4.86
CA GLU A 97 -8.58 20.80 -6.15
C GLU A 97 -9.46 19.76 -6.89
N GLY A 98 -9.24 18.50 -6.60
CA GLY A 98 -9.95 17.41 -7.26
C GLY A 98 -9.57 17.27 -8.73
N SER A 99 -10.24 16.34 -9.40
CA SER A 99 -10.07 16.10 -10.83
C SER A 99 -10.29 17.35 -11.71
N SER A 100 -11.23 18.20 -11.34
CA SER A 100 -11.55 19.34 -12.21
C SER A 100 -10.46 20.38 -12.09
N GLY A 101 -9.85 20.47 -10.91
CA GLY A 101 -8.67 21.29 -10.70
C GLY A 101 -7.56 20.89 -11.63
N TRP A 102 -7.46 19.60 -11.94
CA TRP A 102 -6.42 19.12 -12.85
C TRP A 102 -6.78 19.32 -14.30
N VAL A 103 -8.08 19.26 -14.64
CA VAL A 103 -8.57 19.70 -15.97
C VAL A 103 -8.23 21.17 -16.20
N SER A 104 -8.41 22.02 -15.20
CA SER A 104 -8.03 23.44 -15.34
C SER A 104 -6.54 23.66 -15.56
N ASN A 105 -5.69 22.96 -14.81
CA ASN A 105 -4.23 23.04 -15.04
C ASN A 105 -3.87 22.59 -16.44
N LYS A 106 -4.51 21.49 -16.88
CA LYS A 106 -4.31 20.94 -18.20
C LYS A 106 -4.66 21.89 -19.33
N VAL A 107 -5.80 22.57 -19.21
CA VAL A 107 -6.21 23.61 -20.18
C VAL A 107 -5.16 24.72 -20.22
N GLY A 108 -4.70 25.10 -19.05
CA GLY A 108 -3.68 26.13 -18.94
C GLY A 108 -2.41 25.74 -19.68
N PHE A 109 -1.94 24.53 -19.41
CA PHE A 109 -0.74 24.05 -20.06
C PHE A 109 -0.89 23.98 -21.59
N TYR A 110 -1.91 23.28 -22.06
CA TYR A 110 -2.08 23.08 -23.49
C TYR A 110 -2.33 24.42 -24.24
N SER A 111 -3.06 25.33 -23.62
CA SER A 111 -3.30 26.68 -24.20
C SER A 111 -1.98 27.42 -24.47
N LYS A 112 -1.09 27.40 -23.48
CA LYS A 112 0.23 28.02 -23.60
C LYS A 112 1.14 27.28 -24.59
N LEU A 113 1.14 25.96 -24.53
CA LEU A 113 1.94 25.13 -25.42
C LEU A 113 1.58 25.42 -26.88
N TYR A 114 0.28 25.34 -27.22
CA TYR A 114 -0.18 25.54 -28.59
C TYR A 114 0.13 26.93 -29.06
N SER A 115 -0.16 27.96 -28.27
CA SER A 115 0.09 29.31 -28.76
C SER A 115 1.61 29.59 -28.98
N MET A 116 2.44 29.15 -28.04
CA MET A 116 3.91 29.24 -28.17
C MET A 116 4.42 28.44 -29.36
N ALA A 117 3.87 27.24 -29.59
CA ALA A 117 4.34 26.32 -30.65
C ALA A 117 4.08 26.87 -32.03
N SER A 118 3.04 27.70 -32.15
CA SER A 118 2.75 28.35 -33.42
C SER A 118 3.79 29.39 -33.86
N THR A 119 4.59 29.89 -32.92
CA THR A 119 5.68 30.85 -33.18
C THR A 119 7.05 30.15 -33.26
N SER A 120 7.09 28.82 -33.18
CA SER A 120 8.32 28.05 -32.97
C SER A 120 8.39 26.99 -34.03
N ARG A 121 9.57 26.44 -34.24
CA ARG A 121 9.73 25.27 -35.12
C ARG A 121 10.05 24.02 -34.32
N CYS A 122 11.09 24.12 -33.47
CA CYS A 122 11.49 23.04 -32.59
C CYS A 122 10.95 23.22 -31.18
N ILE A 123 10.57 22.09 -30.58
CA ILE A 123 10.04 22.00 -29.20
C ILE A 123 10.70 20.77 -28.56
N LYS A 124 11.35 21.00 -27.43
CA LYS A 124 12.19 19.99 -26.78
C LYS A 124 12.04 20.12 -25.25
N LEU A 125 11.66 19.03 -24.60
CA LEU A 125 11.70 18.95 -23.14
C LEU A 125 13.14 18.84 -22.69
N ILE A 126 13.57 19.72 -21.79
CA ILE A 126 14.90 19.66 -21.25
C ILE A 126 14.89 19.66 -19.74
N ASN A 127 15.95 19.09 -19.19
CA ASN A 127 16.23 19.15 -17.75
C ASN A 127 17.10 20.34 -17.43
N LEU A 128 16.73 21.08 -16.40
CA LEU A 128 17.48 22.24 -15.94
C LEU A 128 18.56 21.83 -14.91
N ASP A 129 19.63 22.61 -14.81
CA ASP A 129 20.64 22.35 -13.78
C ASP A 129 19.99 22.64 -12.43
N PRO A 130 20.38 21.90 -11.40
CA PRO A 130 19.88 22.23 -10.08
C PRO A 130 20.26 23.66 -9.65
N PRO A 131 19.47 24.22 -8.73
CA PRO A 131 19.69 25.59 -8.29
C PRO A 131 20.88 25.68 -7.33
N THR A 132 21.33 26.90 -7.06
CA THR A 132 22.39 27.13 -6.12
C THR A 132 21.96 26.55 -4.75
N ASN A 133 22.91 25.86 -4.10
CA ASN A 133 22.63 24.96 -2.98
C ASN A 133 21.93 25.65 -1.80
N PHE A 134 21.18 24.88 -1.02
CA PHE A 134 20.55 25.38 0.21
C PHE A 134 20.19 24.23 1.15
N THR A 135 19.81 24.61 2.37
CA THR A 135 19.97 23.80 3.55
C THR A 135 18.75 23.85 4.46
N ASN A 136 18.58 22.83 5.32
CA ASN A 136 17.54 22.81 6.37
C ASN A 136 16.13 22.93 5.76
N TYR A 137 15.79 21.98 4.91
CA TYR A 137 14.54 22.00 4.17
C TYR A 137 14.00 20.58 3.97
N ARG A 138 12.71 20.49 3.62
CA ARG A 138 12.01 19.28 3.19
C ARG A 138 11.43 19.53 1.82
N ASN A 139 11.32 18.50 0.99
CA ASN A 139 10.53 18.56 -0.22
C ASN A 139 9.04 18.49 0.12
N GLY A 140 8.21 19.17 -0.65
CA GLY A 140 6.76 19.11 -0.42
C GLY A 140 6.17 17.75 -0.77
N THR A 141 5.03 17.45 -0.16
CA THR A 141 4.23 16.29 -0.48
C THR A 141 2.76 16.71 -0.63
N CYS A 142 2.00 15.83 -1.25
CA CYS A 142 0.56 16.02 -1.39
C CYS A 142 -0.12 15.38 -0.17
N VAL A 143 -1.20 15.98 0.29
CA VAL A 143 -2.07 15.26 1.25
C VAL A 143 -3.10 14.42 0.48
N GLY A 144 -3.25 14.65 -0.82
CA GLY A 144 -4.30 14.00 -1.60
C GLY A 144 -4.13 12.49 -1.72
N ASN A 145 -5.23 11.77 -1.96
CA ASN A 145 -5.22 10.32 -2.08
C ASN A 145 -4.44 9.65 -0.95
N GLY A 146 -4.76 10.02 0.28
CA GLY A 146 -4.08 9.48 1.47
C GLY A 146 -2.58 9.71 1.56
N GLY A 147 -2.07 10.73 0.85
CA GLY A 147 -0.64 10.99 0.78
C GLY A 147 0.02 10.18 -0.33
N THR A 148 -0.74 9.38 -1.07
CA THR A 148 -0.12 8.60 -2.14
C THR A 148 0.10 9.40 -3.44
N ALA A 149 -0.57 10.54 -3.59
CA ALA A 149 -0.43 11.35 -4.81
C ALA A 149 0.97 11.97 -4.80
N LYS A 150 1.68 11.83 -5.90
CA LYS A 150 3.05 12.31 -6.03
C LYS A 150 2.96 13.77 -6.53
N MET A 151 3.47 14.70 -5.72
CA MET A 151 3.55 16.11 -6.14
C MET A 151 4.48 16.25 -7.33
N PRO A 152 4.20 17.16 -8.25
CA PRO A 152 5.15 17.32 -9.34
C PRO A 152 6.67 17.42 -8.96
N ASP A 153 7.50 16.78 -9.75
CA ASP A 153 8.95 17.01 -9.73
C ASP A 153 9.30 18.38 -10.34
N ASN A 154 8.41 18.90 -11.18
CA ASN A 154 8.60 20.22 -11.79
C ASN A 154 7.31 21.03 -11.73
N PRO A 155 7.31 22.17 -11.01
CA PRO A 155 8.39 22.76 -10.22
C PRO A 155 8.51 22.03 -8.90
N GLN A 156 9.68 22.13 -8.29
CA GLN A 156 9.97 21.44 -7.04
C GLN A 156 9.68 22.37 -5.90
N LEU A 157 8.75 21.97 -5.05
CA LEU A 157 8.43 22.71 -3.83
C LEU A 157 9.30 22.24 -2.67
N VAL A 158 9.79 23.21 -1.89
CA VAL A 158 10.54 22.96 -0.67
C VAL A 158 9.97 23.77 0.48
N ILE A 159 10.12 23.23 1.69
CA ILE A 159 9.63 23.84 2.92
C ILE A 159 10.81 23.97 3.88
N PHE A 160 11.11 25.17 4.35
CA PHE A 160 12.28 25.36 5.24
C PHE A 160 11.94 25.03 6.69
N ASP A 161 12.93 24.47 7.39
CA ASP A 161 12.75 24.07 8.80
C ASP A 161 12.28 25.23 9.66
N ALA A 162 12.86 26.40 9.46
CA ALA A 162 12.40 27.64 10.11
C ALA A 162 12.14 28.75 9.08
N VAL A 163 11.29 29.71 9.46
CA VAL A 163 11.09 30.91 8.67
C VAL A 163 12.43 31.53 8.30
N THR A 164 12.62 31.82 7.01
CA THR A 164 13.93 32.21 6.54
C THR A 164 13.83 33.22 5.40
N LYS A 165 14.94 33.89 5.14
CA LYS A 165 15.07 34.76 3.97
C LYS A 165 16.13 34.13 3.08
N LEU A 166 15.79 34.02 1.80
CA LEU A 166 16.46 33.10 0.91
C LEU A 166 16.00 33.37 -0.53
N SER A 167 17.00 33.47 -1.39
CA SER A 167 16.84 33.60 -2.79
C SER A 167 17.84 32.64 -3.42
N THR A 168 17.39 31.82 -4.35
CA THR A 168 18.28 30.84 -4.98
C THR A 168 18.20 31.06 -6.47
N GLN A 169 19.30 30.75 -7.16
CA GLN A 169 19.46 31.06 -8.56
C GLN A 169 19.27 29.84 -9.43
N PHE A 170 18.52 30.00 -10.51
CA PHE A 170 18.42 28.94 -11.52
C PHE A 170 18.59 29.55 -12.89
N VAL A 171 18.88 28.70 -13.89
CA VAL A 171 19.31 29.10 -15.23
C VAL A 171 18.43 28.43 -16.29
N LEU A 172 17.86 29.23 -17.18
CA LEU A 172 17.21 28.70 -18.41
C LEU A 172 18.20 28.91 -19.55
N PRO A 173 18.68 27.80 -20.15
CA PRO A 173 19.80 27.95 -21.11
C PRO A 173 19.35 28.49 -22.45
N ASN A 174 20.28 29.06 -23.22
CA ASN A 174 19.91 29.57 -24.54
C ASN A 174 20.02 28.52 -25.66
N SER A 175 20.50 27.32 -25.32
CA SER A 175 20.46 26.19 -26.26
C SER A 175 20.44 24.83 -25.58
N SER A 176 20.13 23.80 -26.36
CA SER A 176 20.12 22.43 -25.88
C SER A 176 20.49 21.50 -27.05
N ASP A 177 21.73 21.01 -27.01
CA ASP A 177 22.32 20.15 -28.06
C ASP A 177 21.80 20.41 -29.48
N GLY A 178 22.04 21.61 -29.99
CA GLY A 178 21.68 21.93 -31.40
C GLY A 178 20.43 22.78 -31.59
N VAL A 179 19.50 22.72 -30.63
CA VAL A 179 18.31 23.55 -30.67
C VAL A 179 18.54 24.88 -29.95
N SER A 180 18.11 25.98 -30.55
CA SER A 180 18.18 27.28 -29.91
C SER A 180 16.94 27.45 -29.00
N CYS A 181 17.17 27.77 -27.73
CA CYS A 181 16.05 28.00 -26.82
C CYS A 181 15.85 29.50 -26.72
N THR A 182 15.19 30.07 -27.72
CA THR A 182 14.89 31.48 -27.73
C THR A 182 13.78 31.79 -26.72
N LYS A 183 13.00 30.78 -26.35
CA LYS A 183 12.09 30.91 -25.21
C LYS A 183 11.83 29.55 -24.55
N HIS A 184 11.30 29.58 -23.34
CA HIS A 184 11.01 28.42 -22.51
C HIS A 184 9.59 28.51 -21.97
N LEU A 185 8.88 27.39 -22.03
CA LEU A 185 7.62 27.18 -21.32
C LEU A 185 7.95 26.55 -19.96
N VAL A 186 7.67 27.27 -18.88
CA VAL A 186 8.11 26.90 -17.54
C VAL A 186 6.89 26.99 -16.60
N PRO A 187 6.67 25.97 -15.74
CA PRO A 187 5.53 26.06 -14.81
C PRO A 187 5.82 26.82 -13.53
N PHE A 188 4.78 27.46 -12.99
CA PHE A 188 4.82 28.06 -11.69
C PHE A 188 3.55 27.60 -10.99
N CYS A 189 3.69 26.83 -9.92
CA CYS A 189 2.51 26.30 -9.22
C CYS A 189 2.52 26.68 -7.75
N TYR A 190 1.31 26.73 -7.19
CA TYR A 190 1.15 27.15 -5.82
C TYR A 190 -0.08 26.51 -5.16
N ILE A 191 -0.20 26.69 -3.86
CA ILE A 191 -1.34 26.16 -3.12
C ILE A 191 -2.10 27.34 -2.55
N ASP A 192 -3.29 27.58 -3.08
CA ASP A 192 -4.12 28.68 -2.60
C ASP A 192 -5.01 28.21 -1.44
N GLY A 193 -5.89 29.08 -0.95
CA GLY A 193 -6.78 28.78 0.18
C GLY A 193 -6.36 29.34 1.54
N GLY A 194 -5.65 30.47 1.56
CA GLY A 194 -5.21 31.08 2.82
C GLY A 194 -3.99 30.45 3.42
N CYS A 195 -3.72 30.74 4.67
CA CYS A 195 -2.49 30.31 5.31
C CYS A 195 -2.45 28.79 5.45
N PHE A 196 -1.23 28.26 5.48
CA PHE A 196 -0.99 26.83 5.39
C PHE A 196 -0.53 26.32 6.75
N GLU A 197 -1.34 25.43 7.32
CA GLU A 197 -1.16 24.92 8.70
C GLU A 197 -0.16 23.79 8.75
N MET A 198 0.88 23.93 9.56
CA MET A 198 1.82 22.83 9.84
C MET A 198 2.20 22.88 11.33
N SER A 199 2.07 21.75 12.01
CA SER A 199 2.46 21.60 13.42
C SER A 199 1.95 22.73 14.30
N GLY A 200 0.69 23.12 14.10
CA GLY A 200 0.05 24.12 14.95
C GLY A 200 0.23 25.56 14.52
N VAL A 201 1.00 25.82 13.47
CA VAL A 201 1.25 27.19 13.00
C VAL A 201 0.72 27.35 11.59
N CYS A 202 -0.13 28.35 11.40
CA CYS A 202 -0.69 28.66 10.10
C CYS A 202 0.21 29.70 9.38
N HIS A 203 1.03 29.24 8.43
CA HIS A 203 2.04 30.07 7.74
C HIS A 203 1.51 30.78 6.48
N PRO A 204 1.96 32.03 6.25
CA PRO A 204 1.69 32.60 4.92
C PRO A 204 2.28 31.72 3.83
N PHE A 205 1.56 31.54 2.73
CA PHE A 205 2.06 30.73 1.63
C PHE A 205 2.35 31.60 0.40
N GLY A 206 3.58 31.53 -0.09
CA GLY A 206 3.98 32.21 -1.30
C GLY A 206 5.48 32.29 -1.56
N TYR A 207 5.79 32.73 -2.77
CA TYR A 207 7.15 32.81 -3.29
C TYR A 207 7.06 33.43 -4.66
N TYR A 208 8.20 33.64 -5.31
CA TYR A 208 8.21 34.20 -6.64
C TYR A 208 9.44 33.88 -7.47
N TYR A 209 9.28 33.98 -8.79
CA TYR A 209 10.41 34.03 -9.72
C TYR A 209 10.67 35.49 -10.07
N GLU A 210 11.93 35.88 -10.16
CA GLU A 210 12.31 37.27 -10.40
C GLU A 210 13.66 37.39 -11.10
N SER A 211 13.78 38.40 -11.95
CA SER A 211 15.07 38.83 -12.48
C SER A 211 14.94 40.32 -12.73
N PRO A 212 16.04 40.98 -13.13
CA PRO A 212 15.84 42.39 -13.42
C PRO A 212 14.78 42.67 -14.48
N SER A 213 14.47 41.73 -15.36
CA SER A 213 13.45 41.96 -16.39
C SER A 213 12.22 41.01 -16.32
N PHE A 214 11.98 40.41 -15.16
CA PHE A 214 10.87 39.46 -15.05
C PHE A 214 10.34 39.38 -13.61
N TYR A 215 9.02 39.25 -13.45
CA TYR A 215 8.41 38.87 -12.16
C TYR A 215 7.20 37.98 -12.33
N HIS A 216 7.07 36.92 -11.52
CA HIS A 216 5.79 36.22 -11.38
C HIS A 216 5.70 35.57 -9.99
N GLY A 217 4.64 35.84 -9.25
CA GLY A 217 4.59 35.44 -7.85
C GLY A 217 3.21 35.05 -7.35
N PHE A 218 3.15 34.53 -6.15
CA PHE A 218 1.88 34.23 -5.54
C PHE A 218 2.04 34.37 -4.05
N TYR A 219 0.99 34.83 -3.39
CA TYR A 219 1.03 35.02 -1.95
C TYR A 219 -0.37 34.99 -1.36
N THR A 220 -0.55 34.29 -0.24
CA THR A 220 -1.78 34.38 0.53
C THR A 220 -1.52 34.24 2.01
N ASN A 221 -2.27 35.02 2.78
CA ASN A 221 -2.29 34.90 4.22
C ASN A 221 -3.70 35.08 4.78
N GLY A 222 -4.72 34.67 4.03
CA GLY A 222 -6.09 34.75 4.52
C GLY A 222 -6.35 33.67 5.55
N THR A 223 -7.55 33.62 6.11
CA THR A 223 -7.90 32.46 6.94
C THR A 223 -7.87 31.16 6.13
N ALA A 224 -7.38 30.08 6.74
CA ALA A 224 -7.33 28.80 6.08
C ALA A 224 -8.72 28.42 5.49
N GLY A 225 -8.73 27.90 4.26
CA GLY A 225 -9.92 27.30 3.67
C GLY A 225 -9.48 26.09 2.88
N LEU A 226 -10.32 25.68 1.96
CA LEU A 226 -10.01 24.60 1.02
C LEU A 226 -8.75 24.98 0.19
N HIS A 227 -7.76 24.11 0.14
CA HIS A 227 -6.50 24.35 -0.54
C HIS A 227 -6.51 23.69 -1.91
N SER A 228 -6.03 24.40 -2.92
CA SER A 228 -5.94 23.86 -4.29
C SER A 228 -4.54 24.06 -4.85
N TYR A 229 -3.98 22.99 -5.45
CA TYR A 229 -2.72 23.05 -6.20
C TYR A 229 -3.02 23.52 -7.63
N ILE A 230 -2.58 24.75 -7.92
CA ILE A 230 -2.89 25.45 -9.17
C ILE A 230 -1.59 25.74 -9.91
N CYS A 231 -1.58 25.59 -11.21
CA CYS A 231 -0.37 25.89 -12.01
C CYS A 231 -0.61 26.96 -13.05
N ASP A 232 0.36 27.89 -13.15
CA ASP A 232 0.48 28.86 -14.24
C ASP A 232 1.60 28.37 -15.17
N TYR A 233 1.47 28.63 -16.46
CA TYR A 233 2.45 28.20 -17.43
C TYR A 233 2.99 29.48 -18.08
N LEU A 234 4.29 29.72 -17.89
CA LEU A 234 4.93 30.98 -18.21
C LEU A 234 5.86 30.89 -19.45
N GLU A 235 5.90 31.94 -20.25
CA GLU A 235 6.87 32.04 -21.34
C GLU A 235 8.04 32.84 -20.81
N MET A 236 9.23 32.25 -20.78
CA MET A 236 10.38 32.89 -20.12
C MET A 236 11.57 32.89 -21.11
N LYS A 237 12.29 34.02 -21.22
CA LYS A 237 13.53 34.03 -21.99
C LYS A 237 14.67 33.27 -21.31
N PRO A 238 15.63 32.76 -22.10
CA PRO A 238 16.81 32.20 -21.48
C PRO A 238 17.52 33.22 -20.61
N GLY A 239 18.18 32.73 -19.58
CA GLY A 239 18.96 33.59 -18.69
C GLY A 239 18.90 33.14 -17.24
N VAL A 240 19.32 34.02 -16.34
CA VAL A 240 19.48 33.67 -14.95
C VAL A 240 18.32 34.29 -14.18
N TYR A 241 17.73 33.52 -13.27
CA TYR A 241 16.60 33.99 -12.44
C TYR A 241 16.81 33.60 -11.00
N ASN A 242 16.10 34.27 -10.13
CA ASN A 242 15.98 33.84 -8.75
C ASN A 242 14.58 33.33 -8.42
N ALA A 243 14.55 32.35 -7.53
CA ALA A 243 13.35 31.91 -6.85
C ALA A 243 13.48 32.46 -5.43
N THR A 244 12.44 33.13 -4.94
CA THR A 244 12.56 33.79 -3.64
C THR A 244 11.36 33.49 -2.76
N THR A 245 11.63 33.29 -1.47
CA THR A 245 10.63 32.90 -0.48
C THR A 245 10.11 34.11 0.30
N PHE A 246 8.88 33.99 0.80
CA PHE A 246 8.37 34.93 1.80
C PHE A 246 8.70 34.46 3.21
N GLY A 247 9.09 33.20 3.35
CA GLY A 247 9.61 32.71 4.63
C GLY A 247 9.70 31.21 4.76
N LYS A 248 8.62 30.52 4.38
CA LYS A 248 8.50 29.08 4.67
C LYS A 248 8.54 28.19 3.45
N PHE A 249 8.22 28.73 2.25
CA PHE A 249 8.01 27.92 1.06
C PHE A 249 8.78 28.49 -0.14
N LEU A 250 9.24 27.61 -1.03
CA LEU A 250 9.90 28.01 -2.25
C LEU A 250 9.69 26.94 -3.32
N ILE A 251 9.50 27.36 -4.58
CA ILE A 251 9.60 26.46 -5.74
C ILE A 251 10.70 26.89 -6.70
N TYR A 252 11.31 25.90 -7.34
CA TYR A 252 12.23 26.16 -8.46
C TYR A 252 11.90 25.17 -9.56
N PRO A 253 12.00 25.60 -10.84
CA PRO A 253 11.73 24.69 -11.93
C PRO A 253 12.90 23.73 -12.16
N THR A 254 12.61 22.51 -12.58
CA THR A 254 13.63 21.52 -12.87
C THR A 254 13.62 21.11 -14.35
N LYS A 255 12.59 21.53 -15.10
CA LYS A 255 12.44 21.23 -16.54
C LYS A 255 11.73 22.39 -17.25
N SER A 256 11.91 22.47 -18.57
CA SER A 256 11.17 23.41 -19.39
C SER A 256 10.97 22.80 -20.79
N TYR A 257 10.05 23.36 -21.56
CA TYR A 257 10.02 23.11 -23.01
C TYR A 257 10.76 24.24 -23.65
N CYS A 258 11.88 23.87 -24.24
CA CYS A 258 12.78 24.75 -24.94
C CYS A 258 12.22 24.93 -26.34
N MET A 259 11.99 26.17 -26.80
CA MET A 259 11.55 26.41 -28.17
C MET A 259 12.39 27.46 -28.91
N ASP A 260 12.54 27.29 -30.21
CA ASP A 260 13.16 28.33 -31.00
C ASP A 260 12.05 29.19 -31.62
N THR A 261 12.40 30.10 -32.52
CA THR A 261 11.41 31.03 -33.07
C THR A 261 11.48 30.99 -34.59
N MET A 262 10.33 30.84 -35.24
CA MET A 262 10.29 31.08 -36.70
C MET A 262 9.54 32.38 -36.92
N ASN A 263 9.89 33.11 -37.97
CA ASN A 263 9.33 34.46 -38.13
C ASN A 263 7.93 34.50 -38.69
N TYR A 264 7.48 33.43 -39.35
CA TYR A 264 6.10 33.36 -39.86
C TYR A 264 5.29 32.40 -38.95
N THR A 265 4.30 32.94 -38.26
CA THR A 265 3.45 32.18 -37.40
C THR A 265 2.55 31.27 -38.23
N VAL A 266 2.55 29.97 -37.90
CA VAL A 266 1.66 28.99 -38.50
C VAL A 266 0.83 28.33 -37.36
N PRO A 267 -0.52 28.36 -37.46
CA PRO A 267 -1.38 27.63 -36.48
C PRO A 267 -1.03 26.17 -36.42
N VAL A 268 -0.99 25.63 -35.21
CA VAL A 268 -0.82 24.20 -34.98
C VAL A 268 -2.19 23.48 -35.14
N GLN A 269 -2.16 22.17 -35.22
CA GLN A 269 -3.35 21.33 -35.33
C GLN A 269 -3.38 20.38 -34.16
N ALA A 270 -4.57 20.16 -33.59
CA ALA A 270 -4.74 19.25 -32.45
C ALA A 270 -5.97 18.44 -32.68
N VAL A 271 -5.86 17.14 -32.40
CA VAL A 271 -6.95 16.21 -32.53
C VAL A 271 -7.38 15.75 -31.16
N GLN A 272 -8.70 15.65 -31.02
CA GLN A 272 -9.32 15.29 -29.75
C GLN A 272 -8.73 13.96 -29.28
N SER A 273 -8.20 13.97 -28.05
CA SER A 273 -7.53 12.84 -27.39
C SER A 273 -8.37 12.40 -26.19
N ILE A 274 -9.15 11.34 -26.36
CA ILE A 274 -10.06 10.85 -25.31
C ILE A 274 -10.02 9.33 -25.20
N TRP A 275 -10.73 8.85 -24.17
CA TRP A 275 -10.88 7.42 -23.91
C TRP A 275 -12.23 6.95 -24.49
N SER A 276 -12.41 5.63 -24.51
CA SER A 276 -13.73 5.03 -24.74
C SER A 276 -14.68 5.49 -23.65
N GLU A 277 -15.97 5.25 -23.90
CA GLU A 277 -17.04 5.78 -23.07
C GLU A 277 -17.11 5.20 -21.66
N ASN A 278 -16.43 4.08 -21.36
CA ASN A 278 -16.42 3.53 -19.99
C ASN A 278 -15.33 4.12 -19.08
N ARG A 279 -14.69 5.20 -19.52
CA ARG A 279 -13.77 5.97 -18.68
C ARG A 279 -14.15 7.46 -18.72
N GLN A 280 -13.74 8.22 -17.70
CA GLN A 280 -13.98 9.66 -17.65
C GLN A 280 -12.91 10.38 -18.47
N SER A 281 -13.32 10.97 -19.59
CA SER A 281 -12.48 11.90 -20.37
C SER A 281 -12.79 13.38 -19.99
N ASP A 282 -12.06 14.31 -20.61
CA ASP A 282 -12.37 15.73 -20.45
C ASP A 282 -12.26 16.40 -21.83
N ASP A 283 -12.72 17.63 -21.92
CA ASP A 283 -12.54 18.38 -23.14
C ASP A 283 -11.43 19.44 -23.02
N ALA A 284 -10.35 19.11 -22.32
CA ALA A 284 -9.26 20.09 -22.17
C ALA A 284 -8.65 20.51 -23.54
N ILE A 285 -8.51 19.58 -24.48
CA ILE A 285 -7.91 19.88 -25.78
C ILE A 285 -8.81 20.84 -26.53
N GLY A 286 -10.11 20.62 -26.49
CA GLY A 286 -11.03 21.51 -27.17
C GLY A 286 -11.11 22.90 -26.56
N GLN A 287 -10.97 22.98 -25.26
CA GLN A 287 -10.88 24.26 -24.59
C GLN A 287 -9.55 24.97 -24.88
N ALA A 288 -8.44 24.25 -25.02
CA ALA A 288 -7.11 24.87 -25.21
C ALA A 288 -6.76 25.21 -26.67
N CYS A 289 -7.28 24.40 -27.61
CA CYS A 289 -7.01 24.57 -29.04
C CYS A 289 -7.99 25.53 -29.68
N LYS A 290 -7.66 26.81 -29.62
CA LYS A 290 -8.57 27.85 -29.98
C LYS A 290 -8.02 28.65 -31.14
N SER A 291 -8.93 29.10 -31.99
CA SER A 291 -8.57 30.04 -33.02
C SER A 291 -8.04 31.31 -32.31
N PRO A 292 -7.02 31.95 -32.85
CA PRO A 292 -6.41 31.79 -34.18
C PRO A 292 -5.09 31.03 -34.16
N TYR A 293 -4.67 30.47 -33.02
CA TYR A 293 -3.36 29.83 -32.97
C TYR A 293 -3.40 28.31 -33.17
N CYS A 294 -4.59 27.71 -33.11
CA CYS A 294 -4.71 26.26 -33.13
C CYS A 294 -5.97 25.85 -33.88
N ILE A 295 -5.89 24.77 -34.67
CA ILE A 295 -6.99 24.30 -35.48
C ILE A 295 -7.40 22.98 -34.84
N PHE A 296 -8.59 22.97 -34.22
CA PHE A 296 -9.10 21.81 -33.51
C PHE A 296 -9.94 20.87 -34.37
N TYR A 297 -9.54 19.59 -34.43
CA TYR A 297 -10.32 18.56 -35.12
C TYR A 297 -10.99 17.71 -34.05
N ASN A 298 -12.26 17.98 -33.78
CA ASN A 298 -12.97 17.25 -32.72
C ASN A 298 -13.45 15.89 -33.20
N LYS A 299 -13.64 14.94 -32.29
CA LYS A 299 -14.36 13.71 -32.66
C LYS A 299 -15.85 14.02 -32.58
N THR A 300 -16.60 13.57 -33.57
CA THR A 300 -18.07 13.66 -33.58
C THR A 300 -18.72 12.35 -33.09
N LYS A 301 -17.96 11.26 -33.04
CA LYS A 301 -18.41 9.98 -32.48
C LYS A 301 -17.65 9.59 -31.23
N PRO A 302 -18.15 8.59 -30.48
CA PRO A 302 -17.28 8.06 -29.41
C PRO A 302 -16.01 7.38 -29.95
N TYR A 303 -15.04 7.17 -29.08
CA TYR A 303 -13.85 6.38 -29.39
C TYR A 303 -14.26 4.90 -29.50
N LEU A 304 -14.26 4.38 -30.73
CA LEU A 304 -14.65 3.00 -31.03
C LEU A 304 -13.57 2.31 -31.86
N ALA A 305 -13.02 1.20 -31.35
CA ALA A 305 -11.92 0.54 -32.02
C ALA A 305 -12.18 -0.96 -32.28
N PRO A 306 -13.17 -1.29 -33.13
CA PRO A 306 -13.47 -2.72 -33.37
C PRO A 306 -12.34 -3.51 -34.08
N ASN A 307 -11.50 -2.81 -34.83
CA ASN A 307 -10.32 -3.42 -35.48
C ASN A 307 -9.01 -3.02 -34.82
N GLY A 308 -9.07 -2.61 -33.55
CA GLY A 308 -7.89 -2.13 -32.84
C GLY A 308 -7.34 -3.18 -31.88
N ALA A 309 -6.29 -2.81 -31.13
CA ALA A 309 -5.69 -3.73 -30.16
C ALA A 309 -6.62 -3.99 -28.95
N ASP A 310 -7.41 -2.98 -28.59
CA ASP A 310 -8.36 -3.03 -27.47
C ASP A 310 -9.31 -1.83 -27.58
N GLU A 311 -10.17 -1.60 -26.59
CA GLU A 311 -11.25 -0.63 -26.77
C GLU A 311 -10.74 0.83 -26.68
N ASN A 312 -9.50 1.01 -26.27
CA ASN A 312 -8.94 2.33 -26.15
C ASN A 312 -7.83 2.64 -27.18
N HIS A 313 -7.65 1.76 -28.17
CA HIS A 313 -6.55 1.91 -29.13
C HIS A 313 -6.95 1.36 -30.48
N GLY A 314 -7.15 2.25 -31.45
CA GLY A 314 -7.46 1.90 -32.85
C GLY A 314 -8.78 2.49 -33.34
N ASP A 315 -9.02 3.75 -33.05
CA ASP A 315 -10.31 4.39 -33.36
C ASP A 315 -10.53 4.58 -34.85
N GLU A 316 -11.70 4.15 -35.35
CA GLU A 316 -12.03 4.29 -36.77
C GLU A 316 -12.10 5.76 -37.23
N GLU A 317 -12.77 6.61 -36.46
CA GLU A 317 -12.93 8.00 -36.85
C GLU A 317 -11.57 8.70 -36.97
N VAL A 318 -10.76 8.67 -35.91
CA VAL A 318 -9.43 9.30 -35.99
C VAL A 318 -8.56 8.66 -37.09
N ARG A 319 -8.64 7.34 -37.22
CA ARG A 319 -7.94 6.67 -38.33
C ARG A 319 -8.29 7.33 -39.67
N GLN A 320 -9.58 7.54 -39.91
CA GLN A 320 -10.02 8.17 -41.16
C GLN A 320 -9.47 9.60 -41.24
N MET A 321 -9.62 10.36 -40.16
CA MET A 321 -9.03 11.72 -40.07
C MET A 321 -7.53 11.73 -40.46
N MET A 322 -6.76 10.85 -39.82
CA MET A 322 -5.31 10.78 -40.05
C MET A 322 -4.90 10.27 -41.44
N GLN A 323 -5.84 9.80 -42.28
CA GLN A 323 -5.52 9.54 -43.69
C GLN A 323 -5.08 10.82 -44.40
N GLY A 324 -5.53 11.96 -43.89
CA GLY A 324 -5.18 13.28 -44.45
C GLY A 324 -3.69 13.57 -44.48
N LEU A 325 -2.95 13.01 -43.53
CA LEU A 325 -1.52 13.28 -43.46
C LEU A 325 -0.74 12.54 -44.54
N LEU A 326 -1.39 11.62 -45.26
CA LEU A 326 -0.72 10.90 -46.33
C LEU A 326 -0.56 11.73 -47.60
N VAL A 327 -1.38 12.77 -47.81
CA VAL A 327 -1.23 13.58 -49.04
C VAL A 327 -0.44 14.85 -48.82
N ASN A 328 0.13 15.32 -49.92
CA ASN A 328 0.79 16.62 -49.99
C ASN A 328 -0.31 17.58 -50.37
N SER A 329 -0.83 18.26 -49.37
CA SER A 329 -1.92 19.20 -49.54
C SER A 329 -1.41 20.60 -49.89
N SER A 330 -2.34 21.43 -50.31
CA SER A 330 -2.05 22.83 -50.58
C SER A 330 -2.71 23.77 -49.54
N CYS A 331 -3.64 23.23 -48.77
CA CYS A 331 -4.47 24.01 -47.85
C CYS A 331 -4.77 23.15 -46.62
N VAL A 332 -4.66 23.78 -45.47
CA VAL A 332 -5.00 23.19 -44.16
C VAL A 332 -5.97 24.14 -43.45
N SER A 333 -7.09 23.61 -42.99
CA SER A 333 -8.17 24.43 -42.43
C SER A 333 -9.00 23.68 -41.38
N PRO A 334 -9.92 24.38 -40.69
CA PRO A 334 -10.76 23.67 -39.71
C PRO A 334 -11.73 22.71 -40.42
N GLN A 335 -11.97 22.92 -41.71
CA GLN A 335 -12.79 22.00 -42.49
C GLN A 335 -11.98 20.81 -42.96
N GLY A 336 -10.66 20.92 -42.85
CA GLY A 336 -9.74 19.86 -43.21
C GLY A 336 -8.79 20.33 -44.30
N SER A 337 -8.22 19.36 -45.02
CA SER A 337 -7.18 19.61 -45.99
C SER A 337 -7.71 19.44 -47.40
N THR A 338 -7.08 20.14 -48.34
CA THR A 338 -7.35 19.97 -49.77
C THR A 338 -6.06 20.03 -50.61
N PRO A 339 -6.08 19.38 -51.78
CA PRO A 339 -5.02 19.64 -52.73
C PRO A 339 -5.30 20.99 -53.39
N LEU A 340 -4.44 21.38 -54.32
CA LEU A 340 -4.62 22.63 -55.05
C LEU A 340 -5.89 22.53 -55.88
N ALA A 341 -6.75 23.53 -55.76
CA ALA A 341 -7.98 23.56 -56.52
C ALA A 341 -8.49 24.98 -56.55
N LEU A 342 -9.32 25.25 -57.54
CA LEU A 342 -9.94 26.54 -57.73
C LEU A 342 -11.09 26.68 -56.75
N TYR A 343 -11.95 25.66 -56.68
CA TYR A 343 -13.23 25.72 -55.97
C TYR A 343 -13.40 24.65 -54.88
N SER A 344 -14.09 25.03 -53.80
CA SER A 344 -14.42 24.17 -52.69
C SER A 344 -15.94 23.96 -52.61
N SER A 345 -16.36 22.77 -52.17
CA SER A 345 -17.78 22.39 -52.06
C SER A 345 -18.42 23.04 -50.84
N GLU A 346 -17.61 23.53 -49.91
CA GLU A 346 -18.09 24.31 -48.77
C GLU A 346 -17.12 25.44 -48.42
N MET A 347 -17.62 26.40 -47.64
CA MET A 347 -16.80 27.54 -47.19
C MET A 347 -15.65 27.06 -46.31
N ILE A 348 -14.47 27.62 -46.52
CA ILE A 348 -13.28 27.36 -45.72
C ILE A 348 -13.11 28.56 -44.80
N TYR A 349 -13.01 28.31 -43.49
CA TYR A 349 -12.89 29.36 -42.53
C TYR A 349 -11.48 29.44 -41.95
N ILE A 350 -11.25 30.43 -41.09
CA ILE A 350 -9.97 30.57 -40.40
C ILE A 350 -10.09 29.90 -39.01
N PRO A 351 -8.96 29.46 -38.44
CA PRO A 351 -7.60 29.56 -38.96
C PRO A 351 -7.31 28.57 -40.07
N ASN A 352 -6.65 29.06 -41.12
CA ASN A 352 -6.16 28.23 -42.19
C ASN A 352 -4.84 28.79 -42.68
N TYR A 353 -4.19 28.03 -43.55
CA TYR A 353 -2.98 28.52 -44.21
C TYR A 353 -2.73 27.73 -45.47
N GLY A 354 -1.82 28.23 -46.30
CA GLY A 354 -1.50 27.61 -47.59
C GLY A 354 -2.22 28.34 -48.71
N SER A 355 -2.67 27.62 -49.73
CA SER A 355 -3.50 28.22 -50.78
C SER A 355 -4.83 27.47 -50.81
N CYS A 356 -5.88 28.14 -50.35
CA CYS A 356 -7.19 27.51 -50.15
C CYS A 356 -8.20 27.83 -51.30
N PRO A 357 -8.91 26.81 -51.79
CA PRO A 357 -9.95 27.04 -52.77
C PRO A 357 -11.10 27.86 -52.19
N GLN A 358 -11.73 28.61 -53.06
CA GLN A 358 -12.86 29.45 -52.68
C GLN A 358 -14.19 28.75 -52.92
N TYR A 359 -15.19 29.07 -52.10
CA TYR A 359 -16.48 28.41 -52.13
C TYR A 359 -17.21 28.63 -53.47
N TYR A 360 -17.57 27.53 -54.15
CA TYR A 360 -18.08 27.56 -55.54
C TYR A 360 -19.29 28.48 -55.73
N LYS A 361 -20.20 28.48 -54.76
CA LYS A 361 -21.44 29.24 -54.88
C LYS A 361 -21.19 30.76 -55.03
N LEU A 362 -20.03 31.24 -54.59
CA LEU A 362 -19.68 32.67 -54.78
C LEU A 362 -19.38 33.00 -56.24
N PHE A 363 -18.97 32.00 -57.02
CA PHE A 363 -18.68 32.16 -58.44
C PHE A 363 -19.71 31.40 -59.27
N LYS B 2 -25.47 19.89 24.97
CA LYS B 2 -26.13 18.56 25.15
C LYS B 2 -25.18 17.46 24.63
N PRO B 3 -25.06 16.36 25.38
CA PRO B 3 -24.24 15.26 24.85
C PRO B 3 -24.87 14.62 23.60
N ILE B 4 -24.06 14.35 22.57
CA ILE B 4 -24.60 13.70 21.35
C ILE B 4 -24.51 12.19 21.45
N THR B 5 -25.37 11.51 20.69
CA THR B 5 -25.40 10.06 20.68
C THR B 5 -24.85 9.63 19.32
N PRO B 6 -23.86 8.74 19.32
CA PRO B 6 -23.38 8.20 18.07
C PRO B 6 -24.46 7.41 17.27
N HIS B 7 -24.45 7.58 15.95
CA HIS B 7 -25.34 6.81 15.07
C HIS B 7 -24.72 5.44 14.83
N TYR B 8 -25.37 4.39 15.33
CA TYR B 8 -24.83 3.06 15.21
C TYR B 8 -24.76 2.62 13.74
N GLY B 9 -23.53 2.51 13.25
CA GLY B 9 -23.22 1.94 11.91
C GLY B 9 -21.98 2.62 11.36
N PRO B 10 -21.68 2.43 10.06
CA PRO B 10 -20.50 3.05 9.49
C PRO B 10 -20.62 4.55 9.20
N GLY B 11 -19.47 5.15 8.92
CA GLY B 11 -19.41 6.58 8.64
C GLY B 11 -18.15 6.93 7.93
N HIS B 12 -18.00 8.19 7.59
CA HIS B 12 -16.79 8.65 6.96
C HIS B 12 -16.59 10.07 7.48
N ILE B 13 -15.33 10.47 7.62
CA ILE B 13 -14.98 11.81 8.06
C ILE B 13 -14.39 12.67 6.92
N THR B 14 -13.96 12.08 5.80
CA THR B 14 -13.61 12.84 4.58
C THR B 14 -14.44 12.32 3.40
N PRO B 15 -14.43 13.03 2.25
CA PRO B 15 -15.04 12.46 1.03
C PRO B 15 -14.24 11.32 0.41
N ASP B 16 -13.00 11.12 0.85
CA ASP B 16 -12.19 10.02 0.36
C ASP B 16 -12.47 8.73 1.12
N TRP B 17 -13.64 8.15 0.82
CA TRP B 17 -14.03 6.88 1.36
C TRP B 17 -14.60 6.03 0.26
N CYS B 18 -14.64 4.72 0.48
CA CYS B 18 -15.25 3.82 -0.48
C CYS B 18 -15.88 2.58 0.15
N GLY B 19 -16.64 1.86 -0.66
CA GLY B 19 -17.27 0.66 -0.22
C GLY B 19 -17.05 -0.47 -1.20
N PHE B 20 -17.24 -1.68 -0.67
CA PHE B 20 -17.16 -2.91 -1.41
C PHE B 20 -18.36 -3.71 -1.01
N GLY B 21 -19.12 -4.22 -1.97
CA GLY B 21 -20.27 -5.04 -1.62
C GLY B 21 -20.80 -5.99 -2.68
N ASP B 22 -22.10 -6.27 -2.60
CA ASP B 22 -22.76 -7.28 -3.45
C ASP B 22 -24.09 -6.67 -3.97
N ALA B 23 -25.11 -7.48 -4.28
CA ALA B 23 -26.41 -6.93 -4.77
C ALA B 23 -26.92 -5.71 -3.95
N ARG B 24 -26.76 -5.78 -2.64
CA ARG B 24 -27.34 -4.82 -1.70
C ARG B 24 -26.74 -3.44 -1.78
N SER B 25 -25.70 -3.30 -2.62
CA SER B 25 -25.17 -1.98 -2.93
C SER B 25 -24.82 -1.84 -4.40
N ASP B 26 -25.49 -2.63 -5.23
CA ASP B 26 -25.27 -2.66 -6.66
C ASP B 26 -26.47 -2.03 -7.36
N CYS B 27 -26.31 -0.80 -7.83
CA CYS B 27 -27.40 -0.09 -8.57
C CYS B 27 -27.63 -0.65 -9.98
N GLY B 28 -26.77 -1.54 -10.44
CA GLY B 28 -27.04 -2.22 -11.72
C GLY B 28 -28.11 -3.30 -11.63
N ASN B 29 -28.42 -3.77 -10.42
CA ASN B 29 -29.44 -4.79 -10.25
C ASN B 29 -30.77 -4.21 -10.73
N LYS B 30 -31.53 -5.02 -11.43
CA LYS B 30 -32.78 -4.56 -12.00
C LYS B 30 -33.87 -4.28 -10.97
N HIS B 31 -33.70 -4.72 -9.73
CA HIS B 31 -34.66 -4.39 -8.67
C HIS B 31 -34.31 -3.15 -7.88
N THR B 32 -33.22 -2.49 -8.26
CA THR B 32 -32.79 -1.23 -7.62
C THR B 32 -33.96 -0.22 -7.78
N PRO B 33 -34.27 0.54 -6.73
CA PRO B 33 -33.60 0.64 -5.43
C PRO B 33 -34.18 -0.27 -4.34
N LYS B 34 -35.20 -1.08 -4.64
CA LYS B 34 -35.81 -1.94 -3.58
C LYS B 34 -34.89 -3.04 -3.06
N SER B 35 -33.89 -3.43 -3.87
CA SER B 35 -32.92 -4.44 -3.46
C SER B 35 -31.71 -3.91 -2.67
N LEU B 36 -31.62 -2.60 -2.51
CA LEU B 36 -30.51 -1.93 -1.83
C LEU B 36 -30.65 -1.90 -0.31
N ASP B 37 -29.52 -2.02 0.40
CA ASP B 37 -29.44 -1.73 1.83
C ASP B 37 -28.73 -0.41 2.11
N ILE B 38 -28.31 0.27 1.05
CA ILE B 38 -27.69 1.59 1.14
C ILE B 38 -28.53 2.61 0.36
N PRO B 39 -28.44 3.90 0.73
CA PRO B 39 -29.08 4.96 -0.06
C PRO B 39 -28.54 4.97 -1.51
N GLN B 40 -29.45 5.12 -2.46
CA GLN B 40 -29.11 5.01 -3.85
C GLN B 40 -28.08 6.09 -4.27
N GLU B 41 -28.13 7.26 -3.64
CA GLU B 41 -27.16 8.30 -3.98
C GLU B 41 -25.71 7.86 -3.70
N LEU B 42 -25.54 6.81 -2.94
CA LEU B 42 -24.20 6.35 -2.52
C LEU B 42 -23.65 5.16 -3.32
N CYS B 43 -24.41 4.64 -4.28
CA CYS B 43 -23.92 3.56 -5.16
C CYS B 43 -22.60 3.88 -5.86
N PRO B 44 -22.44 5.09 -6.40
CA PRO B 44 -21.13 5.40 -7.02
C PRO B 44 -19.93 5.23 -6.08
N LYS B 45 -20.12 5.23 -4.77
CA LYS B 45 -18.99 5.04 -3.84
C LYS B 45 -18.59 3.58 -3.65
N PHE B 46 -19.46 2.65 -4.11
CA PHE B 46 -19.28 1.21 -3.87
C PHE B 46 -18.76 0.49 -5.11
N SER B 47 -17.89 -0.50 -4.90
CA SER B 47 -17.52 -1.44 -5.94
C SER B 47 -18.23 -2.72 -5.56
N SER B 48 -19.27 -3.04 -6.31
CA SER B 48 -20.22 -4.06 -5.94
C SER B 48 -20.77 -4.77 -7.12
N ARG B 49 -21.10 -6.03 -6.90
CA ARG B 49 -21.82 -6.77 -7.92
C ARG B 49 -22.72 -7.83 -7.31
N THR B 50 -23.95 -7.87 -7.82
CA THR B 50 -24.92 -8.90 -7.50
C THR B 50 -24.33 -10.34 -7.58
N GLY B 51 -24.53 -11.11 -6.50
CA GLY B 51 -24.10 -12.53 -6.46
C GLY B 51 -22.65 -12.76 -6.01
N SER B 52 -21.86 -11.70 -5.93
CA SER B 52 -20.41 -11.88 -5.71
C SER B 52 -19.98 -11.59 -4.30
N SER B 53 -18.71 -11.88 -4.05
CA SER B 53 -18.04 -11.46 -2.82
C SER B 53 -16.54 -11.42 -3.09
N MET B 54 -15.78 -10.77 -2.22
CA MET B 54 -14.33 -10.63 -2.46
C MET B 54 -13.62 -12.00 -2.27
N PHE B 55 -14.15 -12.84 -1.38
CA PHE B 55 -13.67 -14.23 -1.18
C PHE B 55 -13.94 -15.11 -2.43
N ILE B 56 -15.16 -15.04 -2.95
CA ILE B 56 -15.47 -15.77 -4.17
C ILE B 56 -14.54 -15.33 -5.30
N SER B 57 -14.41 -14.00 -5.49
CA SER B 57 -13.58 -13.51 -6.56
C SER B 57 -12.06 -13.79 -6.39
N MET B 58 -11.62 -14.02 -5.15
CA MET B 58 -10.25 -14.40 -4.91
C MET B 58 -9.93 -15.75 -5.58
N HIS B 59 -10.88 -16.68 -5.50
CA HIS B 59 -10.66 -18.07 -5.77
C HIS B 59 -11.24 -18.60 -7.08
N TRP B 60 -12.37 -18.05 -7.54
CA TRP B 60 -13.04 -18.60 -8.72
C TRP B 60 -13.24 -17.61 -9.86
N ASN B 61 -13.08 -18.11 -11.07
CA ASN B 61 -13.47 -17.35 -12.23
C ASN B 61 -14.96 -17.47 -12.46
N ASN B 62 -15.47 -16.63 -13.35
CA ASN B 62 -16.86 -16.70 -13.75
C ASN B 62 -17.24 -17.99 -14.34
N GLY B 63 -18.52 -18.29 -14.23
CA GLY B 63 -19.02 -19.55 -14.70
C GLY B 63 -18.89 -20.51 -13.56
N SER B 64 -19.21 -21.77 -13.84
CA SER B 64 -19.09 -22.84 -12.86
C SER B 64 -19.76 -22.57 -11.51
N GLY B 65 -20.85 -21.80 -11.53
CA GLY B 65 -21.69 -21.59 -10.36
C GLY B 65 -21.32 -20.41 -9.47
N PHE B 66 -20.31 -19.64 -9.85
CA PHE B 66 -19.84 -18.52 -9.01
C PHE B 66 -19.91 -17.22 -9.78
N ASP B 67 -20.51 -16.19 -9.19
CA ASP B 67 -20.49 -14.88 -9.82
C ASP B 67 -19.24 -14.15 -9.37
N ALA B 68 -18.24 -14.11 -10.26
CA ALA B 68 -16.93 -13.51 -10.00
C ALA B 68 -17.02 -12.05 -10.44
N PHE B 69 -16.27 -11.15 -9.79
CA PHE B 69 -16.29 -9.72 -10.09
C PHE B 69 -14.91 -9.11 -9.86
N ASP B 70 -14.47 -8.30 -10.81
CA ASP B 70 -13.20 -7.57 -10.70
C ASP B 70 -13.33 -6.37 -9.74
N TYR B 71 -13.43 -6.66 -8.44
CA TYR B 71 -13.49 -5.61 -7.42
C TYR B 71 -12.33 -4.65 -7.57
N SER B 72 -12.62 -3.36 -7.37
CA SER B 72 -11.63 -2.32 -7.48
C SER B 72 -12.16 -1.03 -6.91
N ASN B 73 -11.44 -0.48 -5.92
CA ASN B 73 -11.83 0.79 -5.34
C ASN B 73 -10.65 1.41 -4.59
N CYS B 74 -10.80 2.69 -4.26
CA CYS B 74 -9.79 3.44 -3.52
C CYS B 74 -10.46 4.30 -2.49
N GLY B 75 -9.90 4.36 -1.29
CA GLY B 75 -10.40 5.25 -0.25
C GLY B 75 -9.55 5.09 0.99
N VAL B 76 -9.25 6.20 1.66
CA VAL B 76 -8.59 6.15 2.94
C VAL B 76 -9.52 5.38 3.93
N GLU B 77 -10.80 5.73 3.92
CA GLU B 77 -11.78 5.08 4.79
C GLU B 77 -12.52 4.07 3.95
N LYS B 78 -12.79 2.92 4.53
CA LYS B 78 -13.35 1.76 3.77
C LYS B 78 -14.48 1.06 4.53
N VAL B 79 -15.57 0.78 3.82
CA VAL B 79 -16.73 0.07 4.35
C VAL B 79 -16.95 -1.22 3.53
N PHE B 80 -16.85 -2.36 4.20
CA PHE B 80 -17.08 -3.65 3.57
C PHE B 80 -18.48 -4.17 3.95
N TYR B 81 -19.27 -4.52 2.94
CA TYR B 81 -20.60 -5.07 3.17
C TYR B 81 -20.85 -6.15 2.13
N GLU B 82 -20.13 -7.26 2.30
CA GLU B 82 -20.28 -8.46 1.48
C GLU B 82 -19.71 -9.61 2.27
N GLY B 83 -19.83 -10.81 1.73
CA GLY B 83 -19.43 -12.02 2.46
C GLY B 83 -20.49 -13.12 2.32
N VAL B 84 -21.77 -12.72 2.33
CA VAL B 84 -22.90 -13.67 2.42
C VAL B 84 -22.95 -14.62 1.22
N ASN B 85 -22.56 -14.14 0.04
CA ASN B 85 -22.61 -14.99 -1.13
C ASN B 85 -21.69 -16.21 -1.01
N PHE B 86 -20.73 -16.27 -0.06
CA PHE B 86 -20.13 -17.58 0.43
C PHE B 86 -20.41 -17.91 1.90
N SER B 87 -21.54 -18.57 2.14
CA SER B 87 -21.97 -19.05 3.47
C SER B 87 -22.23 -20.57 3.40
N PRO B 88 -22.45 -21.24 4.56
CA PRO B 88 -22.85 -22.66 4.50
C PRO B 88 -24.07 -22.95 3.60
N HIS B 89 -24.97 -21.98 3.40
CA HIS B 89 -26.07 -22.13 2.42
C HIS B 89 -25.57 -22.70 1.08
N ARG B 90 -24.31 -22.41 0.71
CA ARG B 90 -23.71 -22.98 -0.51
C ARG B 90 -23.63 -24.49 -0.54
N ASN B 91 -23.50 -25.12 0.62
CA ASN B 91 -23.28 -26.55 0.71
C ASN B 91 -22.11 -26.98 -0.16
N TYR B 92 -21.01 -26.26 -0.05
CA TYR B 92 -19.83 -26.55 -0.82
C TYR B 92 -18.77 -27.23 0.05
N THR B 93 -18.20 -28.32 -0.46
CA THR B 93 -16.92 -28.80 0.02
C THR B 93 -16.11 -29.32 -1.15
N CYS B 94 -14.79 -29.35 -1.00
CA CYS B 94 -13.90 -29.83 -2.07
C CYS B 94 -13.33 -31.18 -1.66
N TYR B 95 -12.64 -31.25 -0.51
CA TYR B 95 -12.27 -32.53 0.06
C TYR B 95 -13.17 -32.80 1.27
N GLN B 96 -12.65 -33.25 2.40
CA GLN B 96 -13.53 -33.65 3.48
C GLN B 96 -13.70 -32.52 4.51
N GLU B 97 -13.27 -31.30 4.19
CA GLU B 97 -13.32 -30.21 5.18
C GLU B 97 -14.74 -29.75 5.57
N GLY B 98 -15.70 -29.96 4.68
CA GLY B 98 -17.07 -29.51 4.85
C GLY B 98 -17.26 -27.99 4.84
N SER B 99 -18.51 -27.62 5.03
CA SER B 99 -18.90 -26.23 5.21
C SER B 99 -18.07 -25.46 6.21
N SER B 100 -17.84 -26.09 7.36
CA SER B 100 -17.06 -25.46 8.41
C SER B 100 -15.58 -25.20 8.02
N GLY B 101 -14.97 -26.08 7.22
CA GLY B 101 -13.65 -25.84 6.67
C GLY B 101 -13.63 -24.61 5.75
N TRP B 102 -14.74 -24.37 5.06
CA TRP B 102 -14.86 -23.17 4.25
C TRP B 102 -15.17 -21.89 5.08
N VAL B 103 -15.83 -22.04 6.23
CA VAL B 103 -15.94 -20.92 7.16
C VAL B 103 -14.54 -20.50 7.64
N SER B 104 -13.68 -21.48 7.92
CA SER B 104 -12.32 -21.16 8.35
C SER B 104 -11.50 -20.53 7.24
N ASN B 105 -11.61 -21.03 6.02
CA ASN B 105 -10.92 -20.39 4.90
C ASN B 105 -11.44 -18.96 4.74
N LYS B 106 -12.75 -18.79 4.86
CA LYS B 106 -13.33 -17.46 4.74
C LYS B 106 -12.81 -16.50 5.81
N VAL B 107 -12.70 -16.96 7.05
CA VAL B 107 -12.16 -16.13 8.12
C VAL B 107 -10.69 -15.76 7.83
N GLY B 108 -9.90 -16.74 7.44
CA GLY B 108 -8.49 -16.46 7.11
C GLY B 108 -8.40 -15.39 6.01
N PHE B 109 -9.26 -15.45 4.99
CA PHE B 109 -9.22 -14.50 3.88
C PHE B 109 -9.59 -13.07 4.34
N TYR B 110 -10.76 -12.93 4.96
CA TYR B 110 -11.22 -11.63 5.41
C TYR B 110 -10.32 -11.03 6.48
N SER B 111 -9.76 -11.84 7.37
CA SER B 111 -8.79 -11.31 8.36
C SER B 111 -7.60 -10.68 7.70
N LYS B 112 -7.02 -11.35 6.73
CA LYS B 112 -5.87 -10.81 5.99
C LYS B 112 -6.27 -9.61 5.15
N LEU B 113 -7.41 -9.72 4.45
CA LEU B 113 -7.92 -8.60 3.65
C LEU B 113 -8.09 -7.33 4.49
N TYR B 114 -8.77 -7.45 5.64
CA TYR B 114 -9.04 -6.27 6.44
C TYR B 114 -7.74 -5.65 6.99
N SER B 115 -6.83 -6.47 7.53
CA SER B 115 -5.63 -5.86 8.11
C SER B 115 -4.72 -5.26 7.01
N MET B 116 -4.64 -5.91 5.85
CA MET B 116 -3.89 -5.32 4.71
C MET B 116 -4.52 -3.99 4.22
N ALA B 117 -5.86 -3.97 4.10
CA ALA B 117 -6.63 -2.80 3.61
C ALA B 117 -6.42 -1.57 4.51
N SER B 118 -6.27 -1.80 5.82
CA SER B 118 -6.05 -0.72 6.77
C SER B 118 -4.78 0.09 6.53
N THR B 119 -3.82 -0.49 5.82
CA THR B 119 -2.55 0.19 5.48
C THR B 119 -2.53 0.63 4.01
N SER B 120 -3.65 0.46 3.32
CA SER B 120 -3.69 0.64 1.87
C SER B 120 -4.74 1.67 1.51
N ARG B 121 -4.66 2.23 0.31
CA ARG B 121 -5.76 3.10 -0.13
C ARG B 121 -6.59 2.46 -1.24
N CYS B 122 -5.88 1.93 -2.24
CA CYS B 122 -6.49 1.25 -3.39
C CYS B 122 -6.35 -0.28 -3.21
N ILE B 123 -7.42 -0.99 -3.55
CA ILE B 123 -7.47 -2.44 -3.59
C ILE B 123 -8.09 -2.89 -4.93
N LYS B 124 -7.41 -3.76 -5.65
CA LYS B 124 -7.86 -4.11 -6.99
C LYS B 124 -7.58 -5.58 -7.24
N LEU B 125 -8.59 -6.34 -7.62
CA LEU B 125 -8.37 -7.72 -8.08
C LEU B 125 -7.70 -7.69 -9.45
N ILE B 126 -6.58 -8.38 -9.63
CA ILE B 126 -5.91 -8.44 -10.92
C ILE B 126 -5.67 -9.89 -11.38
N ASN B 127 -5.64 -10.07 -12.69
CA ASN B 127 -5.27 -11.36 -13.30
C ASN B 127 -3.78 -11.40 -13.46
N LEU B 128 -3.16 -12.47 -13.00
CA LEU B 128 -1.72 -12.67 -13.19
C LEU B 128 -1.46 -13.26 -14.56
N ASP B 129 -0.28 -12.99 -15.09
CA ASP B 129 0.17 -13.67 -16.30
C ASP B 129 0.34 -15.16 -16.01
N PRO B 130 0.10 -16.02 -17.01
CA PRO B 130 0.42 -17.43 -16.82
C PRO B 130 1.91 -17.68 -16.54
N PRO B 131 2.21 -18.78 -15.84
CA PRO B 131 3.57 -19.08 -15.50
C PRO B 131 4.33 -19.63 -16.69
N THR B 132 5.66 -19.67 -16.57
CA THR B 132 6.50 -20.30 -17.60
C THR B 132 5.97 -21.72 -17.90
N ASN B 133 5.91 -22.07 -19.19
CA ASN B 133 5.18 -23.25 -19.63
C ASN B 133 5.76 -24.57 -19.09
N PHE B 134 4.90 -25.56 -18.87
CA PHE B 134 5.32 -26.92 -18.55
C PHE B 134 4.24 -27.87 -19.07
N THR B 135 4.56 -29.16 -19.11
CA THR B 135 3.73 -30.19 -19.77
C THR B 135 3.58 -31.46 -18.91
N ASN B 136 2.78 -32.39 -19.44
CA ASN B 136 2.51 -33.68 -18.82
C ASN B 136 1.96 -33.58 -17.40
N TYR B 137 0.78 -32.95 -17.30
CA TYR B 137 0.13 -32.73 -16.02
C TYR B 137 -1.35 -32.79 -16.27
N ARG B 138 -2.11 -32.83 -15.19
CA ARG B 138 -3.53 -32.52 -15.26
C ARG B 138 -3.88 -31.59 -14.12
N ASN B 139 -4.98 -30.86 -14.29
CA ASN B 139 -5.52 -29.99 -13.26
C ASN B 139 -6.19 -30.80 -12.18
N GLY B 140 -6.08 -30.31 -10.95
CA GLY B 140 -6.72 -30.95 -9.81
C GLY B 140 -8.25 -30.89 -9.84
N THR B 141 -8.87 -31.86 -9.18
CA THR B 141 -10.31 -31.91 -9.04
C THR B 141 -10.63 -32.19 -7.56
N CYS B 142 -11.90 -31.99 -7.18
CA CYS B 142 -12.38 -32.24 -5.81
C CYS B 142 -13.07 -33.62 -5.76
N VAL B 143 -13.26 -34.16 -4.55
CA VAL B 143 -14.10 -35.35 -4.38
C VAL B 143 -15.51 -34.95 -3.95
N GLY B 144 -15.71 -33.71 -3.56
CA GLY B 144 -17.04 -33.22 -3.13
C GLY B 144 -18.20 -33.27 -4.10
N ASN B 145 -19.41 -33.41 -3.56
CA ASN B 145 -20.63 -33.71 -4.36
C ASN B 145 -20.40 -34.76 -5.44
N GLY B 146 -19.94 -35.94 -5.04
CA GLY B 146 -19.72 -37.03 -5.97
C GLY B 146 -18.61 -36.82 -7.01
N GLY B 147 -17.72 -35.91 -6.70
CA GLY B 147 -16.59 -35.59 -7.53
C GLY B 147 -16.83 -34.40 -8.44
N THR B 148 -17.98 -33.72 -8.28
CA THR B 148 -18.40 -32.62 -9.17
C THR B 148 -18.12 -31.20 -8.68
N ALA B 149 -17.68 -31.07 -7.43
CA ALA B 149 -17.42 -29.75 -6.87
C ALA B 149 -16.24 -29.07 -7.61
N LYS B 150 -16.31 -27.75 -7.76
CA LYS B 150 -15.33 -26.96 -8.51
C LYS B 150 -14.21 -26.51 -7.59
N MET B 151 -13.00 -27.00 -7.85
CA MET B 151 -11.81 -26.55 -7.11
C MET B 151 -11.50 -25.11 -7.53
N PRO B 152 -11.00 -24.30 -6.59
CA PRO B 152 -10.50 -22.95 -6.99
C PRO B 152 -9.63 -22.92 -8.26
N ASP B 153 -9.88 -21.91 -9.09
CA ASP B 153 -9.04 -21.55 -10.24
C ASP B 153 -7.85 -20.79 -9.75
N ASN B 154 -7.92 -20.25 -8.54
CA ASN B 154 -6.80 -19.52 -7.92
C ASN B 154 -6.66 -19.94 -6.48
N PRO B 155 -5.53 -20.55 -6.11
CA PRO B 155 -4.39 -20.99 -6.90
C PRO B 155 -4.74 -22.24 -7.70
N GLN B 156 -4.09 -22.40 -8.84
CA GLN B 156 -4.33 -23.54 -9.73
C GLN B 156 -3.47 -24.72 -9.29
N LEU B 157 -4.10 -25.83 -8.90
CA LEU B 157 -3.38 -27.05 -8.54
C LEU B 157 -3.15 -27.88 -9.77
N VAL B 158 -1.90 -28.33 -9.95
CA VAL B 158 -1.56 -29.33 -10.97
C VAL B 158 -0.94 -30.61 -10.38
N ILE B 159 -1.20 -31.72 -11.08
CA ILE B 159 -0.69 -33.04 -10.72
C ILE B 159 0.12 -33.56 -11.92
N PHE B 160 1.38 -33.89 -11.70
CA PHE B 160 2.26 -34.32 -12.82
C PHE B 160 2.06 -35.79 -13.16
N ASP B 161 2.08 -36.13 -14.45
CA ASP B 161 1.93 -37.53 -14.88
C ASP B 161 2.91 -38.44 -14.15
N ALA B 162 4.14 -37.98 -13.94
CA ALA B 162 5.18 -38.76 -13.23
C ALA B 162 5.92 -37.85 -12.26
N VAL B 163 6.34 -38.41 -11.12
CA VAL B 163 7.22 -37.76 -10.16
C VAL B 163 8.34 -37.05 -10.91
N THR B 164 8.59 -35.80 -10.57
CA THR B 164 9.41 -34.94 -11.40
C THR B 164 10.04 -33.81 -10.57
N LYS B 165 11.09 -33.21 -11.11
CA LYS B 165 11.75 -32.06 -10.49
C LYS B 165 11.44 -30.86 -11.38
N LEU B 166 10.78 -29.85 -10.82
CA LEU B 166 10.21 -28.77 -11.60
C LEU B 166 9.93 -27.52 -10.74
N SER B 167 10.21 -26.38 -11.35
CA SER B 167 10.07 -25.09 -10.76
C SER B 167 9.63 -24.16 -11.88
N THR B 168 8.48 -23.53 -11.70
CA THR B 168 7.94 -22.63 -12.70
C THR B 168 7.84 -21.24 -12.11
N GLN B 169 8.11 -20.23 -12.93
CA GLN B 169 8.12 -18.83 -12.52
C GLN B 169 6.81 -18.09 -12.77
N PHE B 170 6.39 -17.32 -11.77
CA PHE B 170 5.27 -16.40 -11.92
C PHE B 170 5.70 -15.03 -11.43
N VAL B 171 4.95 -14.02 -11.85
CA VAL B 171 5.25 -12.63 -11.58
C VAL B 171 4.08 -11.91 -10.90
N LEU B 172 4.37 -11.20 -9.82
CA LEU B 172 3.44 -10.29 -9.22
C LEU B 172 3.86 -8.88 -9.62
N PRO B 173 3.00 -8.18 -10.35
CA PRO B 173 3.47 -6.94 -10.96
C PRO B 173 3.53 -5.81 -9.95
N ASN B 174 4.34 -4.80 -10.28
CA ASN B 174 4.46 -3.62 -9.39
C ASN B 174 3.40 -2.53 -9.65
N SER B 175 2.58 -2.71 -10.67
CA SER B 175 1.46 -1.79 -10.95
C SER B 175 0.43 -2.48 -11.81
N SER B 176 -0.74 -1.89 -11.87
CA SER B 176 -1.83 -2.38 -12.72
C SER B 176 -2.74 -1.23 -13.12
N ASP B 177 -2.48 -0.66 -14.30
CA ASP B 177 -3.26 0.46 -14.91
C ASP B 177 -3.46 1.62 -13.96
N GLY B 178 -2.37 2.26 -13.59
CA GLY B 178 -2.46 3.42 -12.71
C GLY B 178 -2.52 3.10 -11.23
N VAL B 179 -2.79 1.85 -10.83
CA VAL B 179 -2.65 1.48 -9.40
C VAL B 179 -1.25 0.90 -9.14
N SER B 180 -0.55 1.47 -8.16
CA SER B 180 0.68 0.87 -7.67
C SER B 180 0.39 -0.37 -6.79
N CYS B 181 1.05 -1.48 -7.10
CA CYS B 181 0.94 -2.68 -6.29
C CYS B 181 2.19 -2.78 -5.40
N THR B 182 2.15 -2.16 -4.24
CA THR B 182 3.27 -2.22 -3.31
C THR B 182 3.22 -3.50 -2.47
N LYS B 183 2.02 -4.10 -2.40
CA LYS B 183 1.83 -5.45 -1.91
C LYS B 183 0.68 -6.14 -2.66
N HIS B 184 0.65 -7.47 -2.49
CA HIS B 184 -0.35 -8.35 -3.07
C HIS B 184 -0.84 -9.29 -2.00
N LEU B 185 -2.14 -9.58 -2.03
CA LEU B 185 -2.79 -10.62 -1.22
C LEU B 185 -2.98 -11.82 -2.16
N VAL B 186 -2.27 -12.91 -1.86
CA VAL B 186 -2.13 -14.05 -2.74
C VAL B 186 -2.46 -15.33 -1.94
N PRO B 187 -3.33 -16.20 -2.48
CA PRO B 187 -3.62 -17.45 -1.77
C PRO B 187 -2.59 -18.54 -1.97
N PHE B 188 -2.47 -19.42 -0.98
CA PHE B 188 -1.66 -20.62 -1.03
C PHE B 188 -2.50 -21.68 -0.34
N CYS B 189 -2.99 -22.64 -1.12
CA CYS B 189 -3.85 -23.67 -0.59
C CYS B 189 -3.22 -25.04 -0.77
N TYR B 190 -3.68 -25.99 0.03
CA TYR B 190 -3.13 -27.30 0.03
C TYR B 190 -4.12 -28.28 0.63
N ILE B 191 -3.84 -29.55 0.44
CA ILE B 191 -4.69 -30.62 0.94
C ILE B 191 -3.89 -31.34 2.01
N ASP B 192 -4.35 -31.27 3.26
CA ASP B 192 -3.66 -31.97 4.36
C ASP B 192 -4.19 -33.40 4.52
N GLY B 193 -3.72 -34.05 5.58
CA GLY B 193 -4.11 -35.42 5.92
C GLY B 193 -3.16 -36.47 5.42
N GLY B 194 -1.87 -36.17 5.42
CA GLY B 194 -0.86 -37.16 5.04
C GLY B 194 -0.80 -37.44 3.55
N CYS B 195 -0.11 -38.52 3.20
CA CYS B 195 0.13 -38.85 1.80
C CYS B 195 -1.20 -39.01 1.05
N PHE B 196 -1.13 -38.71 -0.24
CA PHE B 196 -2.29 -38.54 -1.10
C PHE B 196 -2.31 -39.65 -2.14
N GLU B 197 -3.22 -40.61 -1.94
CA GLU B 197 -3.30 -41.79 -2.81
C GLU B 197 -3.93 -41.52 -4.18
N MET B 198 -3.21 -41.90 -5.24
CA MET B 198 -3.74 -41.92 -6.62
C MET B 198 -3.29 -43.21 -7.33
N SER B 199 -4.27 -43.96 -7.87
CA SER B 199 -4.02 -45.25 -8.52
C SER B 199 -3.24 -46.22 -7.64
N GLY B 200 -3.65 -46.33 -6.38
CA GLY B 200 -3.06 -47.30 -5.45
C GLY B 200 -1.65 -46.97 -4.96
N VAL B 201 -1.25 -45.70 -5.12
CA VAL B 201 0.10 -45.24 -4.75
C VAL B 201 -0.04 -43.96 -3.94
N CYS B 202 0.56 -43.94 -2.76
CA CYS B 202 0.40 -42.84 -1.83
C CYS B 202 1.60 -41.89 -2.01
N HIS B 203 1.35 -40.70 -2.54
CA HIS B 203 2.42 -39.72 -2.80
C HIS B 203 2.49 -38.67 -1.70
N PRO B 204 3.72 -38.18 -1.40
CA PRO B 204 3.80 -37.02 -0.52
C PRO B 204 3.15 -35.84 -1.22
N PHE B 205 2.44 -35.04 -0.45
CA PHE B 205 1.73 -33.91 -0.99
C PHE B 205 2.45 -32.67 -0.55
N GLY B 206 2.92 -31.86 -1.50
CA GLY B 206 3.67 -30.72 -1.11
C GLY B 206 4.23 -29.87 -2.21
N TYR B 207 4.47 -28.61 -1.87
CA TYR B 207 5.06 -27.63 -2.79
C TYR B 207 5.31 -26.31 -2.03
N TYR B 208 5.92 -25.36 -2.73
CA TYR B 208 6.19 -24.06 -2.15
C TYR B 208 6.30 -22.93 -3.16
N TYR B 209 6.12 -21.71 -2.65
CA TYR B 209 6.48 -20.49 -3.35
C TYR B 209 7.85 -20.01 -2.81
N GLU B 210 8.72 -19.51 -3.68
CA GLU B 210 10.06 -19.04 -3.25
C GLU B 210 10.62 -17.93 -4.09
N SER B 211 11.45 -17.12 -3.45
CA SER B 211 12.31 -16.18 -4.16
C SER B 211 13.55 -15.97 -3.28
N PRO B 212 14.50 -15.14 -3.74
CA PRO B 212 15.63 -14.92 -2.84
C PRO B 212 15.20 -14.32 -1.51
N SER B 213 14.05 -13.66 -1.42
CA SER B 213 13.64 -13.08 -0.14
C SER B 213 12.30 -13.58 0.38
N PHE B 214 11.88 -14.78 -0.02
CA PHE B 214 10.56 -15.29 0.35
C PHE B 214 10.49 -16.82 0.32
N TYR B 215 9.84 -17.41 1.32
CA TYR B 215 9.50 -18.84 1.30
C TYR B 215 8.14 -19.01 2.01
N HIS B 216 7.26 -19.75 1.36
CA HIS B 216 6.04 -20.28 1.99
C HIS B 216 5.75 -21.65 1.39
N GLY B 217 5.66 -22.66 2.24
CA GLY B 217 5.53 -24.03 1.80
C GLY B 217 4.51 -24.85 2.58
N PHE B 218 4.19 -26.03 2.04
CA PHE B 218 3.50 -27.07 2.78
C PHE B 218 4.03 -28.42 2.31
N TYR B 219 4.05 -29.36 3.24
CA TYR B 219 4.53 -30.70 2.94
C TYR B 219 3.95 -31.69 3.93
N THR B 220 3.39 -32.79 3.43
CA THR B 220 3.06 -33.91 4.28
C THR B 220 3.32 -35.26 3.59
N ASN B 221 3.99 -36.15 4.31
CA ASN B 221 4.18 -37.53 3.90
C ASN B 221 3.81 -38.47 5.02
N GLY B 222 2.89 -38.06 5.90
CA GLY B 222 2.40 -38.97 6.93
C GLY B 222 1.50 -40.09 6.37
N THR B 223 1.01 -40.91 7.29
CA THR B 223 -0.08 -41.88 7.04
C THR B 223 -1.36 -41.17 6.64
N ALA B 224 -2.10 -41.70 5.67
CA ALA B 224 -3.39 -41.13 5.28
C ALA B 224 -4.44 -41.42 6.39
N GLY B 225 -5.36 -40.52 6.75
CA GLY B 225 -5.57 -39.24 6.17
C GLY B 225 -6.98 -38.84 5.79
N LEU B 226 -7.81 -38.40 6.73
CA LEU B 226 -8.94 -37.51 6.34
C LEU B 226 -8.38 -36.21 5.68
N HIS B 227 -8.74 -35.94 4.44
CA HIS B 227 -8.11 -34.85 3.70
C HIS B 227 -8.94 -33.57 3.74
N SER B 228 -8.27 -32.43 3.95
CA SER B 228 -8.95 -31.13 3.95
C SER B 228 -8.26 -30.16 3.03
N TYR B 229 -9.05 -29.41 2.25
CA TYR B 229 -8.52 -28.32 1.44
C TYR B 229 -8.52 -27.06 2.28
N ILE B 230 -7.32 -26.57 2.58
CA ILE B 230 -7.05 -25.45 3.50
C ILE B 230 -6.33 -24.32 2.76
N CYS B 231 -6.70 -23.07 3.03
CA CYS B 231 -5.97 -21.90 2.44
C CYS B 231 -5.30 -20.97 3.43
N ASP B 232 -4.06 -20.58 3.09
CA ASP B 232 -3.31 -19.49 3.73
C ASP B 232 -3.44 -18.31 2.77
N TYR B 233 -3.49 -17.11 3.33
CA TYR B 233 -3.56 -15.92 2.52
C TYR B 233 -2.31 -15.12 2.82
N LEU B 234 -1.51 -14.86 1.80
CA LEU B 234 -0.16 -14.31 1.95
C LEU B 234 -0.07 -12.87 1.48
N GLU B 235 0.72 -12.07 2.21
CA GLU B 235 1.10 -10.76 1.76
C GLU B 235 2.45 -10.90 1.05
N MET B 236 2.48 -10.56 -0.23
CA MET B 236 3.70 -10.75 -1.06
C MET B 236 4.04 -9.45 -1.78
N LYS B 237 5.33 -9.14 -1.83
CA LYS B 237 5.82 -7.97 -2.58
C LYS B 237 5.82 -8.24 -4.07
N PRO B 238 5.75 -7.17 -4.88
CA PRO B 238 5.92 -7.33 -6.32
C PRO B 238 7.29 -7.94 -6.60
N GLY B 239 7.38 -8.77 -7.63
CA GLY B 239 8.63 -9.38 -8.07
C GLY B 239 8.39 -10.72 -8.71
N VAL B 240 9.47 -11.43 -8.94
CA VAL B 240 9.49 -12.70 -9.63
C VAL B 240 9.59 -13.77 -8.55
N TYR B 241 8.83 -14.84 -8.71
CA TYR B 241 8.78 -15.93 -7.75
C TYR B 241 8.77 -17.25 -8.50
N ASN B 242 9.17 -18.30 -7.79
CA ASN B 242 9.03 -19.66 -8.29
C ASN B 242 7.96 -20.41 -7.50
N ALA B 243 7.18 -21.22 -8.23
CA ALA B 243 6.39 -22.30 -7.61
C ALA B 243 7.16 -23.60 -7.93
N THR B 244 7.41 -24.39 -6.90
CA THR B 244 8.29 -25.52 -7.03
C THR B 244 7.65 -26.74 -6.40
N THR B 245 7.79 -27.89 -7.06
CA THR B 245 7.25 -29.16 -6.55
C THR B 245 8.27 -29.97 -5.74
N PHE B 246 7.74 -30.75 -4.80
CA PHE B 246 8.48 -31.84 -4.17
C PHE B 246 8.41 -33.14 -4.97
N GLY B 247 7.56 -33.22 -6.00
CA GLY B 247 7.46 -34.43 -6.83
C GLY B 247 6.24 -34.51 -7.72
N LYS B 248 5.07 -34.59 -7.09
CA LYS B 248 3.81 -34.91 -7.77
C LYS B 248 2.85 -33.74 -7.93
N PHE B 249 2.92 -32.76 -7.03
CA PHE B 249 1.96 -31.64 -6.99
C PHE B 249 2.63 -30.27 -7.05
N LEU B 250 1.91 -29.33 -7.65
CA LEU B 250 2.30 -27.91 -7.67
C LEU B 250 1.05 -27.00 -7.72
N ILE B 251 1.16 -25.83 -7.09
CA ILE B 251 0.18 -24.76 -7.30
C ILE B 251 0.87 -23.50 -7.75
N TYR B 252 0.13 -22.71 -8.51
CA TYR B 252 0.57 -21.37 -8.89
C TYR B 252 -0.61 -20.41 -8.86
N PRO B 253 -0.40 -19.18 -8.42
CA PRO B 253 -1.51 -18.24 -8.35
C PRO B 253 -1.81 -17.66 -9.74
N THR B 254 -3.11 -17.43 -9.98
CA THR B 254 -3.61 -16.86 -11.23
C THR B 254 -4.24 -15.46 -11.02
N LYS B 255 -4.43 -15.05 -9.75
CA LYS B 255 -5.03 -13.74 -9.37
C LYS B 255 -4.45 -13.26 -8.02
N SER B 256 -4.43 -11.94 -7.83
CA SER B 256 -4.12 -11.35 -6.52
C SER B 256 -4.96 -10.12 -6.27
N TYR B 257 -5.05 -9.70 -5.01
CA TYR B 257 -5.52 -8.37 -4.72
C TYR B 257 -4.28 -7.49 -4.60
N CYS B 258 -4.19 -6.56 -5.56
CA CYS B 258 -3.15 -5.56 -5.66
C CYS B 258 -3.50 -4.38 -4.79
N MET B 259 -2.55 -3.94 -3.97
CA MET B 259 -2.79 -2.84 -3.05
C MET B 259 -1.60 -1.89 -2.97
N ASP B 260 -1.88 -0.59 -2.82
CA ASP B 260 -0.81 0.36 -2.55
C ASP B 260 -0.72 0.56 -1.02
N THR B 261 0.10 1.51 -0.60
CA THR B 261 0.41 1.73 0.80
C THR B 261 0.18 3.18 1.12
N MET B 262 -0.60 3.44 2.16
CA MET B 262 -0.67 4.80 2.69
C MET B 262 0.08 4.79 4.00
N ASN B 263 0.61 5.95 4.41
CA ASN B 263 1.53 5.96 5.59
C ASN B 263 0.85 6.05 6.94
N TYR B 264 -0.40 6.49 7.00
CA TYR B 264 -1.19 6.51 8.23
C TYR B 264 -2.26 5.40 8.09
N THR B 265 -2.09 4.35 8.91
CA THR B 265 -3.06 3.31 9.08
C THR B 265 -4.43 3.77 9.59
N VAL B 266 -5.47 3.36 8.87
CA VAL B 266 -6.86 3.71 9.26
C VAL B 266 -7.67 2.41 9.33
N PRO B 267 -8.31 2.13 10.49
CA PRO B 267 -9.11 0.88 10.51
C PRO B 267 -10.24 0.91 9.50
N VAL B 268 -10.49 -0.26 8.92
CA VAL B 268 -11.59 -0.46 8.00
C VAL B 268 -12.85 -0.75 8.87
N GLN B 269 -13.99 -0.74 8.20
CA GLN B 269 -15.27 -0.95 8.80
C GLN B 269 -15.94 -2.08 8.02
N ALA B 270 -16.51 -3.03 8.75
CA ALA B 270 -17.26 -4.11 8.12
C ALA B 270 -18.65 -4.28 8.77
N VAL B 271 -19.65 -4.46 7.93
CA VAL B 271 -21.04 -4.64 8.38
C VAL B 271 -21.45 -6.09 8.18
N GLN B 272 -22.06 -6.66 9.20
CA GLN B 272 -22.49 -8.06 9.14
C GLN B 272 -23.29 -8.37 7.88
N SER B 273 -22.85 -9.41 7.19
CA SER B 273 -23.37 -9.76 5.87
C SER B 273 -24.00 -11.16 5.95
N ILE B 274 -25.34 -11.21 6.01
CA ILE B 274 -26.02 -12.50 6.20
C ILE B 274 -27.33 -12.64 5.39
N TRP B 275 -27.86 -13.85 5.39
CA TRP B 275 -29.17 -14.17 4.80
C TRP B 275 -30.30 -14.04 5.81
N SER B 276 -31.54 -14.03 5.32
CA SER B 276 -32.72 -14.22 6.19
C SER B 276 -32.63 -15.59 6.89
N GLU B 277 -33.47 -15.80 7.89
CA GLU B 277 -33.39 -17.03 8.71
C GLU B 277 -33.82 -18.31 8.02
N ASN B 278 -34.33 -18.20 6.80
CA ASN B 278 -34.60 -19.35 5.93
C ASN B 278 -33.38 -20.02 5.32
N ARG B 279 -32.19 -19.42 5.49
CA ARG B 279 -30.94 -19.99 4.96
C ARG B 279 -29.86 -20.02 6.03
N GLN B 280 -28.84 -20.85 5.83
CA GLN B 280 -27.72 -20.94 6.77
C GLN B 280 -26.67 -19.86 6.48
N SER B 281 -26.37 -19.09 7.52
CA SER B 281 -25.41 -18.00 7.45
C SER B 281 -24.26 -18.41 8.35
N ASP B 282 -23.16 -17.65 8.32
CA ASP B 282 -22.07 -17.81 9.29
C ASP B 282 -21.71 -16.45 9.89
N ASP B 283 -20.85 -16.46 10.90
CA ASP B 283 -20.28 -15.25 11.50
C ASP B 283 -18.80 -15.05 11.15
N ALA B 284 -18.41 -15.44 9.96
CA ALA B 284 -17.04 -15.23 9.50
C ALA B 284 -16.64 -13.73 9.57
N ILE B 285 -17.57 -12.81 9.26
CA ILE B 285 -17.19 -11.38 9.18
C ILE B 285 -16.89 -10.92 10.59
N GLY B 286 -17.74 -11.31 11.54
CA GLY B 286 -17.51 -11.04 12.94
C GLY B 286 -16.24 -11.64 13.48
N GLN B 287 -15.89 -12.82 13.01
CA GLN B 287 -14.64 -13.45 13.47
C GLN B 287 -13.41 -12.79 12.81
N ALA B 288 -13.54 -12.30 11.59
CA ALA B 288 -12.42 -11.70 10.85
C ALA B 288 -12.17 -10.23 11.23
N CYS B 289 -13.27 -9.50 11.48
CA CYS B 289 -13.23 -8.06 11.71
C CYS B 289 -12.99 -7.76 13.18
N LYS B 290 -11.72 -7.69 13.53
CA LYS B 290 -11.25 -7.58 14.91
C LYS B 290 -10.43 -6.30 15.14
N SER B 291 -10.59 -5.73 16.33
CA SER B 291 -9.73 -4.69 16.81
C SER B 291 -8.31 -5.23 16.71
N PRO B 292 -7.33 -4.39 16.33
CA PRO B 292 -7.32 -2.97 16.11
C PRO B 292 -7.44 -2.52 14.64
N TYR B 293 -7.54 -3.45 13.69
CA TYR B 293 -7.53 -3.10 12.27
C TYR B 293 -8.93 -2.97 11.64
N CYS B 294 -9.98 -3.38 12.34
CA CYS B 294 -11.34 -3.42 11.76
C CYS B 294 -12.40 -3.15 12.82
N ILE B 295 -13.37 -2.32 12.44
CA ILE B 295 -14.48 -1.93 13.26
C ILE B 295 -15.71 -2.70 12.76
N PHE B 296 -16.23 -3.57 13.61
CA PHE B 296 -17.33 -4.44 13.24
C PHE B 296 -18.68 -3.91 13.72
N TYR B 297 -19.61 -3.73 12.77
CA TYR B 297 -21.00 -3.33 13.05
C TYR B 297 -21.93 -4.52 12.84
N ASN B 298 -22.22 -5.21 13.93
CA ASN B 298 -23.02 -6.42 13.85
C ASN B 298 -24.48 -6.08 13.72
N LYS B 299 -25.26 -6.99 13.14
CA LYS B 299 -26.74 -6.94 13.24
C LYS B 299 -27.18 -7.52 14.61
N THR B 300 -28.11 -6.86 15.29
CA THR B 300 -28.70 -7.41 16.52
C THR B 300 -30.04 -8.08 16.23
N LYS B 301 -30.54 -7.99 15.00
CA LYS B 301 -31.77 -8.70 14.65
C LYS B 301 -31.70 -9.40 13.29
N PRO B 302 -32.65 -10.33 13.05
CA PRO B 302 -32.48 -11.05 11.80
C PRO B 302 -32.54 -10.13 10.58
N TYR B 303 -32.20 -10.68 9.44
CA TYR B 303 -32.32 -9.96 8.18
C TYR B 303 -33.78 -9.94 7.78
N LEU B 304 -34.36 -8.73 7.75
CA LEU B 304 -35.83 -8.53 7.60
C LEU B 304 -36.12 -7.41 6.58
N ALA B 305 -36.67 -7.80 5.43
CA ALA B 305 -36.87 -6.88 4.30
C ALA B 305 -38.34 -6.77 3.83
N PRO B 306 -39.24 -6.40 4.74
CA PRO B 306 -40.67 -6.40 4.38
C PRO B 306 -41.04 -5.45 3.23
N ASN B 307 -40.21 -4.44 2.96
CA ASN B 307 -40.44 -3.54 1.84
C ASN B 307 -39.35 -3.62 0.75
N GLY B 308 -38.50 -4.63 0.82
CA GLY B 308 -37.41 -4.72 -0.17
C GLY B 308 -37.89 -5.43 -1.42
N ALA B 309 -36.96 -5.82 -2.28
CA ALA B 309 -37.24 -6.65 -3.44
C ALA B 309 -37.73 -8.08 -3.09
N ASP B 310 -37.17 -8.64 -2.01
CA ASP B 310 -37.43 -10.01 -1.57
C ASP B 310 -36.83 -10.14 -0.17
N GLU B 311 -37.03 -11.30 0.45
CA GLU B 311 -36.66 -11.46 1.86
C GLU B 311 -35.15 -11.41 2.12
N ASN B 312 -34.33 -11.48 1.07
CA ASN B 312 -32.88 -11.32 1.21
C ASN B 312 -32.26 -10.00 0.71
N HIS B 313 -33.10 -9.03 0.39
CA HIS B 313 -32.66 -7.76 -0.19
C HIS B 313 -33.55 -6.62 0.28
N GLY B 314 -33.04 -5.84 1.23
CA GLY B 314 -33.67 -4.63 1.73
C GLY B 314 -33.86 -4.59 3.25
N ASP B 315 -32.87 -5.03 4.01
CA ASP B 315 -32.97 -5.10 5.47
C ASP B 315 -33.15 -3.73 6.14
N GLU B 316 -34.20 -3.60 6.96
CA GLU B 316 -34.47 -2.31 7.70
C GLU B 316 -33.34 -1.91 8.71
N GLU B 317 -32.76 -2.87 9.41
CA GLU B 317 -31.68 -2.57 10.34
C GLU B 317 -30.40 -2.02 9.63
N VAL B 318 -29.94 -2.73 8.60
CA VAL B 318 -28.73 -2.30 7.89
C VAL B 318 -29.04 -0.98 7.14
N ARG B 319 -30.25 -0.84 6.60
CA ARG B 319 -30.61 0.43 5.95
C ARG B 319 -30.48 1.55 6.97
N GLN B 320 -30.88 1.30 8.22
CA GLN B 320 -30.76 2.32 9.23
C GLN B 320 -29.28 2.60 9.55
N MET B 321 -28.50 1.55 9.69
CA MET B 321 -27.07 1.73 9.95
C MET B 321 -26.40 2.54 8.84
N MET B 322 -26.73 2.22 7.58
CA MET B 322 -26.12 2.86 6.42
C MET B 322 -26.48 4.34 6.23
N GLN B 323 -27.58 4.80 6.85
CA GLN B 323 -27.85 6.26 6.94
C GLN B 323 -26.65 7.09 7.49
N GLY B 324 -25.79 6.48 8.30
CA GLY B 324 -24.63 7.19 8.87
C GLY B 324 -23.67 7.69 7.79
N LEU B 325 -23.66 6.99 6.64
CA LEU B 325 -22.80 7.37 5.54
C LEU B 325 -23.25 8.64 4.77
N LEU B 326 -24.46 9.13 5.04
CA LEU B 326 -24.94 10.37 4.42
C LEU B 326 -24.43 11.66 5.08
N VAL B 327 -23.77 11.57 6.24
CA VAL B 327 -23.29 12.77 6.91
C VAL B 327 -21.77 12.86 6.86
N ASN B 328 -21.28 14.08 7.05
CA ASN B 328 -19.86 14.33 7.15
C ASN B 328 -19.57 14.28 8.63
N SER B 329 -19.03 13.16 9.09
CA SER B 329 -18.82 12.96 10.51
C SER B 329 -17.46 13.49 10.92
N SER B 330 -17.25 13.55 12.22
CA SER B 330 -15.96 13.91 12.83
C SER B 330 -15.25 12.73 13.52
N CYS B 331 -16.05 11.73 13.88
CA CYS B 331 -15.62 10.55 14.63
C CYS B 331 -16.27 9.27 14.07
N VAL B 332 -15.48 8.23 13.86
CA VAL B 332 -15.92 6.90 13.47
C VAL B 332 -15.41 5.95 14.54
N SER B 333 -16.31 5.13 15.10
CA SER B 333 -15.97 4.29 16.22
C SER B 333 -16.84 3.02 16.28
N PRO B 334 -16.57 2.13 17.27
CA PRO B 334 -17.42 0.93 17.42
C PRO B 334 -18.87 1.25 17.79
N GLN B 335 -19.08 2.41 18.40
CA GLN B 335 -20.38 2.90 18.84
C GLN B 335 -21.14 3.57 17.69
N GLY B 336 -20.39 3.93 16.65
CA GLY B 336 -20.91 4.58 15.48
C GLY B 336 -20.23 5.91 15.23
N SER B 337 -20.87 6.74 14.42
CA SER B 337 -20.29 7.99 13.99
C SER B 337 -20.93 9.15 14.75
N THR B 338 -20.18 10.25 14.84
CA THR B 338 -20.68 11.49 15.42
C THR B 338 -20.18 12.67 14.60
N PRO B 339 -20.96 13.75 14.56
CA PRO B 339 -20.44 15.01 14.08
C PRO B 339 -19.57 15.59 15.18
N LEU B 340 -19.05 16.80 14.96
CA LEU B 340 -18.13 17.43 15.89
C LEU B 340 -18.89 17.81 17.13
N ALA B 341 -18.44 17.38 18.30
CA ALA B 341 -19.13 17.76 19.53
C ALA B 341 -18.16 17.61 20.69
N LEU B 342 -18.39 18.38 21.74
CA LEU B 342 -17.64 18.26 22.99
C LEU B 342 -17.87 16.93 23.74
N TYR B 343 -19.15 16.55 23.91
CA TYR B 343 -19.54 15.45 24.79
C TYR B 343 -20.42 14.37 24.17
N SER B 344 -20.23 13.14 24.64
CA SER B 344 -20.97 11.98 24.16
C SER B 344 -21.85 11.46 25.27
N SER B 345 -23.02 10.96 24.90
CA SER B 345 -23.98 10.34 25.85
C SER B 345 -23.54 8.96 26.40
N GLU B 346 -22.51 8.41 25.78
CA GLU B 346 -21.91 7.11 26.14
C GLU B 346 -20.43 7.12 25.79
N MET B 347 -19.73 6.13 26.32
CA MET B 347 -18.29 6.03 26.18
C MET B 347 -17.95 5.53 24.78
N ILE B 348 -17.01 6.20 24.11
CA ILE B 348 -16.53 5.80 22.80
C ILE B 348 -15.22 5.00 22.96
N TYR B 349 -15.18 3.78 22.45
CA TYR B 349 -14.04 2.88 22.69
C TYR B 349 -13.15 2.78 21.44
N ILE B 350 -12.11 1.98 21.49
CA ILE B 350 -11.29 1.76 20.31
C ILE B 350 -11.68 0.43 19.69
N PRO B 351 -11.42 0.26 18.39
CA PRO B 351 -10.80 1.19 17.46
C PRO B 351 -11.67 2.37 17.04
N ASN B 352 -11.10 3.57 17.07
CA ASN B 352 -11.77 4.73 16.54
C ASN B 352 -10.81 5.64 15.79
N TYR B 353 -11.33 6.61 15.07
CA TYR B 353 -10.48 7.65 14.48
C TYR B 353 -11.26 8.97 14.25
N GLY B 354 -10.52 10.04 13.94
CA GLY B 354 -11.07 11.39 13.91
C GLY B 354 -10.96 12.12 15.25
N SER B 355 -11.83 13.10 15.44
CA SER B 355 -11.93 13.86 16.68
C SER B 355 -13.26 13.42 17.33
N CYS B 356 -13.13 12.74 18.47
CA CYS B 356 -14.27 12.06 19.09
C CYS B 356 -14.72 12.77 20.41
N PRO B 357 -16.04 12.97 20.59
CA PRO B 357 -16.54 13.57 21.81
C PRO B 357 -16.25 12.68 23.00
N GLN B 358 -16.07 13.30 24.16
CA GLN B 358 -15.69 12.59 25.37
C GLN B 358 -16.94 12.33 26.19
N TYR B 359 -16.93 11.25 26.94
CA TYR B 359 -18.09 10.84 27.75
C TYR B 359 -18.45 11.89 28.78
N TYR B 360 -19.69 12.40 28.68
CA TYR B 360 -20.17 13.49 29.54
C TYR B 360 -19.92 13.22 31.02
N LYS B 361 -20.04 11.95 31.42
CA LYS B 361 -20.03 11.61 32.85
C LYS B 361 -18.71 11.93 33.58
N LEU B 362 -17.60 11.96 32.83
CA LEU B 362 -16.29 12.22 33.42
C LEU B 362 -16.07 13.70 33.74
N PHE B 363 -16.93 14.60 33.22
CA PHE B 363 -16.78 16.07 33.36
C PHE B 363 -17.79 16.79 34.29
N LYS C 2 -8.74 26.03 29.64
CA LYS C 2 -7.51 26.24 28.81
C LYS C 2 -6.95 24.92 28.23
N PRO C 3 -6.49 24.93 26.95
CA PRO C 3 -6.00 23.70 26.29
C PRO C 3 -4.70 23.11 26.86
N ILE C 4 -4.69 21.80 27.15
CA ILE C 4 -3.50 21.16 27.70
C ILE C 4 -2.55 20.65 26.62
N THR C 5 -1.27 20.67 26.96
CA THR C 5 -0.24 20.12 26.11
C THR C 5 0.10 18.71 26.58
N PRO C 6 -0.01 17.71 25.69
CA PRO C 6 0.41 16.36 26.08
C PRO C 6 1.84 16.29 26.56
N HIS C 7 2.07 15.44 27.55
CA HIS C 7 3.42 15.19 28.00
C HIS C 7 4.04 14.09 27.13
N TYR C 8 5.01 14.46 26.29
CA TYR C 8 5.65 13.48 25.36
C TYR C 8 6.34 12.33 26.12
N GLY C 9 5.97 11.10 25.79
CA GLY C 9 6.42 9.96 26.58
C GLY C 9 5.29 9.03 26.93
N PRO C 10 5.59 7.88 27.51
CA PRO C 10 4.58 6.89 27.80
C PRO C 10 3.75 7.29 28.99
N GLY C 11 2.63 6.60 29.16
CA GLY C 11 1.70 6.85 30.23
C GLY C 11 0.83 5.67 30.59
N HIS C 12 0.03 5.83 31.64
CA HIS C 12 -0.95 4.82 32.02
C HIS C 12 -2.21 5.49 32.57
N ILE C 13 -3.37 4.90 32.28
CA ILE C 13 -4.66 5.44 32.69
C ILE C 13 -5.28 4.63 33.85
N THR C 14 -4.76 3.45 34.15
CA THR C 14 -5.19 2.69 35.33
C THR C 14 -3.97 2.22 36.08
N PRO C 15 -4.16 1.66 37.28
CA PRO C 15 -3.00 1.09 37.99
C PRO C 15 -2.50 -0.24 37.40
N ASP C 16 -3.30 -0.88 36.55
CA ASP C 16 -2.92 -2.16 35.99
C ASP C 16 -2.04 -1.95 34.73
N TRP C 17 -0.82 -1.50 34.94
CA TRP C 17 0.15 -1.36 33.86
C TRP C 17 1.45 -2.00 34.27
N CYS C 18 2.29 -2.36 33.31
CA CYS C 18 3.60 -2.90 33.62
C CYS C 18 4.66 -2.53 32.57
N GLY C 19 5.92 -2.73 32.95
CA GLY C 19 7.06 -2.41 32.11
C GLY C 19 7.98 -3.58 31.86
N PHE C 20 8.66 -3.52 30.72
CA PHE C 20 9.73 -4.48 30.37
C PHE C 20 10.96 -3.67 29.96
N GLY C 21 12.11 -4.05 30.50
CA GLY C 21 13.34 -3.31 30.34
C GLY C 21 14.66 -4.01 30.62
N ASP C 22 15.69 -3.19 30.79
CA ASP C 22 17.10 -3.58 30.88
C ASP C 22 17.76 -2.84 32.06
N ALA C 23 19.08 -2.65 32.05
CA ALA C 23 19.76 -1.88 33.13
C ALA C 23 19.02 -0.59 33.49
N ARG C 24 18.54 0.11 32.48
CA ARG C 24 18.00 1.46 32.66
C ARG C 24 16.66 1.52 33.42
N SER C 25 16.12 0.36 33.76
CA SER C 25 14.96 0.26 34.67
C SER C 25 15.07 -0.87 35.70
N ASP C 26 16.31 -1.24 36.02
CA ASP C 26 16.67 -2.35 36.92
C ASP C 26 17.32 -1.80 38.19
N CYS C 27 16.57 -1.80 39.28
CA CYS C 27 17.05 -1.26 40.55
C CYS C 27 18.08 -2.14 41.24
N GLY C 28 18.41 -3.31 40.68
CA GLY C 28 19.43 -4.14 41.25
C GLY C 28 20.82 -3.82 40.76
N ASN C 29 20.93 -2.93 39.77
CA ASN C 29 22.20 -2.52 39.22
C ASN C 29 22.95 -1.74 40.26
N LYS C 30 24.27 -1.96 40.37
CA LYS C 30 25.09 -1.37 41.47
C LYS C 30 25.14 0.16 41.45
N HIS C 31 24.86 0.76 40.29
CA HIS C 31 24.91 2.20 40.08
C HIS C 31 23.55 2.87 40.20
N THR C 32 22.52 2.11 40.56
CA THR C 32 21.21 2.69 40.78
C THR C 32 21.39 3.75 41.85
N PRO C 33 20.74 4.91 41.71
CA PRO C 33 19.79 5.37 40.71
C PRO C 33 20.39 6.16 39.53
N LYS C 34 21.71 6.28 39.47
CA LYS C 34 22.38 7.06 38.41
C LYS C 34 22.31 6.37 37.05
N SER C 35 22.15 5.05 37.06
CA SER C 35 22.09 4.28 35.83
C SER C 35 20.64 4.13 35.30
N LEU C 36 19.69 4.78 35.98
CA LEU C 36 18.26 4.70 35.67
C LEU C 36 17.80 5.78 34.69
N ASP C 37 16.89 5.40 33.79
CA ASP C 37 16.18 6.31 32.88
C ASP C 37 14.70 6.45 33.28
N ILE C 38 14.29 5.70 34.31
CA ILE C 38 12.94 5.82 34.93
C ILE C 38 13.04 6.32 36.37
N PRO C 39 11.93 6.86 36.93
CA PRO C 39 11.97 7.17 38.37
C PRO C 39 12.05 5.89 39.19
N GLN C 40 12.80 5.98 40.27
CA GLN C 40 13.18 4.84 41.11
C GLN C 40 11.94 4.16 41.66
N GLU C 41 11.01 4.97 42.16
CA GLU C 41 9.75 4.46 42.73
C GLU C 41 8.96 3.54 41.78
N LEU C 42 9.29 3.58 40.50
CA LEU C 42 8.56 2.80 39.50
C LEU C 42 9.24 1.48 39.12
N CYS C 43 10.49 1.27 39.55
CA CYS C 43 11.17 -0.02 39.35
C CYS C 43 10.31 -1.28 39.63
N PRO C 44 9.50 -1.29 40.73
CA PRO C 44 8.64 -2.47 40.97
C PRO C 44 7.63 -2.82 39.88
N LYS C 45 7.32 -1.88 38.99
CA LYS C 45 6.42 -2.13 37.87
C LYS C 45 7.10 -2.73 36.65
N PHE C 46 8.44 -2.78 36.65
CA PHE C 46 9.22 -3.27 35.53
C PHE C 46 9.81 -4.65 35.77
N SER C 47 9.79 -5.50 34.75
CA SER C 47 10.49 -6.75 34.74
C SER C 47 11.72 -6.42 33.90
N SER C 48 12.85 -6.19 34.54
CA SER C 48 14.08 -5.78 33.84
C SER C 48 15.36 -6.46 34.37
N ARG C 49 16.35 -6.61 33.50
CA ARG C 49 17.69 -7.02 33.95
C ARG C 49 18.79 -6.38 33.14
N THR C 50 19.76 -5.82 33.86
CA THR C 50 21.01 -5.31 33.30
C THR C 50 21.60 -6.24 32.27
N GLY C 51 21.93 -5.68 31.10
CA GLY C 51 22.53 -6.46 30.04
C GLY C 51 21.59 -7.25 29.12
N SER C 52 20.29 -7.40 29.45
CA SER C 52 19.45 -8.30 28.66
C SER C 52 18.45 -7.56 27.75
N SER C 53 17.75 -8.34 26.94
CA SER C 53 16.58 -7.86 26.29
C SER C 53 15.67 -9.03 26.01
N MET C 54 14.43 -8.70 25.64
CA MET C 54 13.45 -9.76 25.34
C MET C 54 13.90 -10.57 24.16
N PHE C 55 14.58 -9.96 23.20
CA PHE C 55 15.09 -10.70 22.04
C PHE C 55 16.25 -11.67 22.39
N ILE C 56 17.19 -11.24 23.23
CA ILE C 56 18.28 -12.07 23.64
C ILE C 56 17.71 -13.27 24.38
N SER C 57 16.77 -13.00 25.28
CA SER C 57 16.20 -14.05 26.13
C SER C 57 15.32 -15.03 25.37
N MET C 58 14.72 -14.61 24.26
CA MET C 58 14.05 -15.54 23.35
C MET C 58 15.01 -16.66 22.85
N HIS C 59 16.28 -16.30 22.61
CA HIS C 59 17.17 -17.15 21.81
C HIS C 59 18.30 -17.85 22.56
N TRP C 60 18.81 -17.25 23.65
CA TRP C 60 20.04 -17.69 24.31
C TRP C 60 19.82 -17.83 25.81
N ASN C 61 20.40 -18.88 26.39
CA ASN C 61 20.66 -18.97 27.84
C ASN C 61 21.86 -18.10 28.21
N ASN C 62 22.14 -17.97 29.50
CA ASN C 62 23.31 -17.20 29.97
C ASN C 62 24.56 -17.80 29.40
N GLY C 63 25.48 -16.94 28.92
CA GLY C 63 26.75 -17.39 28.41
C GLY C 63 27.15 -16.91 27.04
N SER C 64 28.41 -17.16 26.71
CA SER C 64 29.06 -16.68 25.50
C SER C 64 28.74 -15.23 25.12
N GLY C 65 28.70 -14.36 26.13
CA GLY C 65 28.44 -12.94 25.94
C GLY C 65 26.97 -12.54 26.08
N PHE C 66 26.06 -13.51 26.26
CA PHE C 66 24.65 -13.19 26.45
C PHE C 66 24.22 -13.24 27.89
N ASP C 67 23.48 -12.21 28.30
CA ASP C 67 22.81 -12.17 29.60
C ASP C 67 21.29 -12.36 29.41
N ALA C 68 20.79 -13.50 29.89
CA ALA C 68 19.42 -13.93 29.67
C ALA C 68 18.62 -13.59 30.91
N PHE C 69 17.32 -13.40 30.75
CA PHE C 69 16.47 -13.04 31.86
C PHE C 69 15.07 -13.61 31.64
N ASP C 70 14.47 -14.13 32.70
CA ASP C 70 13.11 -14.70 32.63
C ASP C 70 12.10 -13.60 32.84
N TYR C 71 11.91 -12.78 31.81
CA TYR C 71 10.87 -11.75 31.76
C TYR C 71 9.50 -12.32 32.11
N SER C 72 8.78 -11.57 32.93
CA SER C 72 7.50 -11.99 33.47
C SER C 72 6.74 -10.77 34.00
N ASN C 73 5.64 -10.43 33.37
CA ASN C 73 4.85 -9.34 33.89
C ASN C 73 3.43 -9.34 33.33
N CYS C 74 2.55 -8.70 34.09
CA CYS C 74 1.13 -8.60 33.74
C CYS C 74 0.73 -7.13 33.82
N GLY C 75 0.02 -6.69 32.81
CA GLY C 75 -0.67 -5.42 32.87
C GLY C 75 -1.48 -5.23 31.61
N VAL C 76 -2.63 -4.61 31.73
CA VAL C 76 -3.47 -4.34 30.58
C VAL C 76 -2.80 -3.28 29.69
N GLU C 77 -2.11 -2.35 30.33
CA GLU C 77 -1.26 -1.39 29.64
C GLU C 77 0.22 -1.78 29.83
N LYS C 78 1.02 -1.63 28.78
CA LYS C 78 2.41 -2.11 28.79
C LYS C 78 3.38 -1.09 28.19
N VAL C 79 4.53 -0.92 28.84
CA VAL C 79 5.60 -0.07 28.35
C VAL C 79 6.88 -0.87 28.18
N PHE C 80 7.38 -0.92 26.94
CA PHE C 80 8.59 -1.63 26.65
C PHE C 80 9.71 -0.61 26.49
N TYR C 81 10.79 -0.84 27.23
CA TYR C 81 11.99 -0.03 27.04
C TYR C 81 13.22 -0.91 27.18
N GLU C 82 13.47 -1.65 26.11
CA GLU C 82 14.65 -2.48 26.00
C GLU C 82 14.85 -2.83 24.53
N GLY C 83 15.98 -3.46 24.22
CA GLY C 83 16.31 -3.84 22.84
C GLY C 83 17.74 -3.49 22.45
N VAL C 84 18.31 -2.49 23.10
CA VAL C 84 19.66 -1.99 22.76
C VAL C 84 20.73 -3.07 22.94
N ASN C 85 20.55 -3.93 23.94
CA ASN C 85 21.53 -4.98 24.20
C ASN C 85 21.73 -6.01 23.05
N PHE C 86 20.84 -6.02 22.02
CA PHE C 86 21.19 -6.55 20.63
C PHE C 86 21.14 -5.53 19.46
N SER C 87 22.16 -4.68 19.34
CA SER C 87 22.32 -3.73 18.23
C SER C 87 23.56 -4.11 17.40
N PRO C 88 23.79 -3.43 16.28
CA PRO C 88 25.00 -3.74 15.49
C PRO C 88 26.32 -3.64 16.29
N HIS C 89 26.31 -2.89 17.38
CA HIS C 89 27.45 -2.81 18.27
C HIS C 89 27.96 -4.19 18.72
N ARG C 90 27.05 -5.13 18.97
CA ARG C 90 27.43 -6.49 19.31
C ARG C 90 28.33 -7.19 18.24
N ASN C 91 28.26 -6.80 16.96
CA ASN C 91 29.08 -7.41 15.88
C ASN C 91 28.96 -8.92 15.77
N TYR C 92 27.72 -9.37 15.83
CA TYR C 92 27.40 -10.76 15.80
C TYR C 92 26.92 -11.18 14.42
N THR C 93 27.38 -12.34 13.98
CA THR C 93 26.80 -13.00 12.85
C THR C 93 27.01 -14.51 13.05
N CYS C 94 26.12 -15.34 12.52
CA CYS C 94 26.20 -16.78 12.68
C CYS C 94 26.61 -17.46 11.37
N TYR C 95 25.91 -17.14 10.29
CA TYR C 95 26.40 -17.43 8.94
C TYR C 95 26.78 -16.08 8.31
N GLN C 96 26.42 -15.81 7.07
CA GLN C 96 26.90 -14.62 6.35
C GLN C 96 25.87 -13.49 6.33
N GLU C 97 24.84 -13.62 7.15
CA GLU C 97 23.77 -12.62 7.23
C GLU C 97 24.29 -11.28 7.74
N GLY C 98 25.36 -11.30 8.53
CA GLY C 98 25.95 -10.07 9.07
C GLY C 98 25.03 -9.41 10.09
N SER C 99 25.46 -8.25 10.58
CA SER C 99 24.67 -7.38 11.43
C SER C 99 23.29 -7.00 10.94
N SER C 100 23.18 -6.69 9.66
CA SER C 100 21.91 -6.21 9.12
C SER C 100 20.90 -7.37 9.16
N GLY C 101 21.40 -8.58 8.98
CA GLY C 101 20.55 -9.76 9.09
C GLY C 101 19.97 -9.95 10.49
N TRP C 102 20.74 -9.61 11.52
CA TRP C 102 20.24 -9.61 12.89
C TRP C 102 19.31 -8.46 13.19
N VAL C 103 19.52 -7.29 12.60
CA VAL C 103 18.52 -6.24 12.67
C VAL C 103 17.17 -6.77 12.11
N SER C 104 17.19 -7.41 10.96
CA SER C 104 15.96 -7.99 10.41
C SER C 104 15.32 -9.01 11.34
N ASN C 105 16.09 -9.96 11.85
CA ASN C 105 15.53 -10.90 12.85
C ASN C 105 14.91 -10.17 14.04
N LYS C 106 15.60 -9.15 14.52
CA LYS C 106 15.16 -8.32 15.66
C LYS C 106 13.82 -7.64 15.37
N VAL C 107 13.69 -7.06 14.18
CA VAL C 107 12.43 -6.44 13.75
C VAL C 107 11.29 -7.46 13.71
N GLY C 108 11.58 -8.62 13.14
CA GLY C 108 10.59 -9.68 13.07
C GLY C 108 10.11 -10.06 14.48
N PHE C 109 11.05 -10.22 15.41
CA PHE C 109 10.70 -10.57 16.79
C PHE C 109 9.87 -9.51 17.50
N TYR C 110 10.34 -8.26 17.54
CA TYR C 110 9.60 -7.22 18.21
C TYR C 110 8.24 -6.92 17.55
N SER C 111 8.13 -7.01 16.22
CA SER C 111 6.84 -6.83 15.56
C SER C 111 5.82 -7.83 16.09
N LYS C 112 6.23 -9.09 16.20
CA LYS C 112 5.36 -10.15 16.67
C LYS C 112 5.06 -10.02 18.16
N LEU C 113 6.08 -9.73 18.95
CA LEU C 113 5.91 -9.54 20.34
C LEU C 113 4.89 -8.38 20.68
N TYR C 114 5.06 -7.20 20.08
CA TYR C 114 4.18 -6.06 20.32
C TYR C 114 2.73 -6.35 19.87
N SER C 115 2.56 -6.98 18.71
CA SER C 115 1.22 -7.23 18.24
C SER C 115 0.51 -8.28 19.11
N MET C 116 1.20 -9.37 19.44
CA MET C 116 0.66 -10.37 20.39
C MET C 116 0.38 -9.77 21.78
N ALA C 117 1.30 -8.97 22.30
CA ALA C 117 1.16 -8.31 23.62
C ALA C 117 -0.11 -7.41 23.75
N SER C 118 -0.50 -6.77 22.64
CA SER C 118 -1.65 -5.89 22.63
C SER C 118 -2.94 -6.63 22.85
N THR C 119 -2.98 -7.93 22.60
CA THR C 119 -4.17 -8.77 22.88
C THR C 119 -4.01 -9.70 24.11
N SER C 120 -3.00 -9.42 24.94
CA SER C 120 -2.64 -10.28 26.10
C SER C 120 -2.57 -9.41 27.33
N ARG C 121 -2.74 -9.99 28.52
CA ARG C 121 -2.49 -9.25 29.76
C ARG C 121 -1.15 -9.63 30.40
N CYS C 122 -0.95 -10.95 30.55
CA CYS C 122 0.27 -11.53 31.13
C CYS C 122 1.20 -12.11 30.04
N ILE C 123 2.50 -11.92 30.23
CA ILE C 123 3.52 -12.36 29.28
C ILE C 123 4.67 -12.92 30.10
N LYS C 124 5.13 -14.10 29.76
CA LYS C 124 6.31 -14.62 30.45
C LYS C 124 7.08 -15.64 29.65
N LEU C 125 8.40 -15.55 29.78
CA LEU C 125 9.32 -16.46 29.10
C LEU C 125 9.31 -17.77 29.83
N ILE C 126 9.17 -18.89 29.11
CA ILE C 126 9.15 -20.20 29.78
C ILE C 126 10.16 -21.12 29.12
N ASN C 127 10.67 -22.08 29.89
CA ASN C 127 11.49 -23.17 29.34
C ASN C 127 10.60 -24.34 28.99
N LEU C 128 10.78 -24.90 27.81
CA LEU C 128 9.97 -26.02 27.34
C LEU C 128 10.63 -27.31 27.83
N ASP C 129 9.85 -28.37 28.02
CA ASP C 129 10.41 -29.70 28.32
C ASP C 129 11.20 -30.19 27.12
N PRO C 130 12.29 -30.96 27.34
CA PRO C 130 12.96 -31.53 26.17
C PRO C 130 12.03 -32.43 25.30
N PRO C 131 12.35 -32.54 24.02
CA PRO C 131 11.53 -33.32 23.11
C PRO C 131 11.73 -34.81 23.27
N THR C 132 10.94 -35.64 22.57
CA THR C 132 11.14 -37.11 22.65
C THR C 132 12.56 -37.43 22.18
N ASN C 133 13.18 -38.43 22.81
CA ASN C 133 14.58 -38.70 22.61
C ASN C 133 14.93 -39.11 21.17
N PHE C 134 16.15 -38.77 20.77
CA PHE C 134 16.75 -39.23 19.51
C PHE C 134 18.29 -39.19 19.63
N THR C 135 18.96 -39.93 18.74
CA THR C 135 20.38 -40.28 18.88
C THR C 135 21.12 -40.04 17.56
N ASN C 136 22.43 -40.29 17.55
CA ASN C 136 23.28 -40.15 16.36
C ASN C 136 23.16 -38.78 15.68
N TYR C 137 23.50 -37.74 16.41
CA TYR C 137 23.39 -36.38 15.93
C TYR C 137 24.43 -35.51 16.60
N ARG C 138 24.55 -34.27 16.14
CA ARG C 138 25.23 -33.23 16.93
C ARG C 138 24.49 -31.92 16.84
N ASN C 139 24.80 -31.00 17.75
CA ASN C 139 24.17 -29.69 17.76
C ASN C 139 24.84 -28.83 16.72
N GLY C 140 24.07 -27.92 16.11
CA GLY C 140 24.62 -27.02 15.11
C GLY C 140 25.54 -25.97 15.74
N THR C 141 26.44 -25.44 14.93
CA THR C 141 27.30 -24.36 15.34
C THR C 141 27.35 -23.30 14.23
N CYS C 142 27.80 -22.10 14.59
CA CYS C 142 27.96 -21.01 13.63
C CYS C 142 29.37 -21.05 13.05
N VAL C 143 29.51 -20.62 11.79
CA VAL C 143 30.82 -20.32 11.24
C VAL C 143 31.23 -18.88 11.61
N GLY C 144 30.27 -18.06 12.03
CA GLY C 144 30.54 -16.62 12.17
C GLY C 144 31.59 -16.27 13.21
N ASN C 145 32.29 -15.17 12.99
CA ASN C 145 33.33 -14.70 13.93
C ASN C 145 34.27 -15.81 14.31
N GLY C 146 34.79 -16.49 13.28
CA GLY C 146 35.82 -17.52 13.48
C GLY C 146 35.32 -18.69 14.31
N GLY C 147 34.03 -18.93 14.21
CA GLY C 147 33.36 -20.01 14.92
C GLY C 147 33.04 -19.67 16.36
N THR C 148 33.32 -18.46 16.80
CA THR C 148 33.07 -18.08 18.18
C THR C 148 31.67 -17.55 18.41
N ALA C 149 30.91 -17.23 17.36
CA ALA C 149 29.51 -16.83 17.52
C ALA C 149 28.69 -18.05 18.01
N LYS C 150 27.99 -17.89 19.12
CA LYS C 150 27.16 -18.96 19.63
C LYS C 150 25.80 -18.95 18.93
N MET C 151 25.47 -20.07 18.31
CA MET C 151 24.14 -20.25 17.70
C MET C 151 23.05 -20.25 18.82
N PRO C 152 21.82 -19.72 18.54
CA PRO C 152 20.78 -19.75 19.57
C PRO C 152 20.56 -21.11 20.22
N ASP C 153 20.28 -21.10 21.52
CA ASP C 153 19.84 -22.28 22.25
C ASP C 153 18.36 -22.54 21.89
N ASN C 154 17.66 -21.51 21.46
CA ASN C 154 16.26 -21.63 21.03
C ASN C 154 16.03 -20.95 19.73
N PRO C 155 15.63 -21.70 18.66
CA PRO C 155 15.40 -23.12 18.58
C PRO C 155 16.72 -23.86 18.46
N GLN C 156 16.71 -25.12 18.87
CA GLN C 156 17.94 -25.92 18.90
C GLN C 156 18.07 -26.63 17.59
N LEU C 157 19.13 -26.35 16.87
CA LEU C 157 19.41 -27.03 15.60
C LEU C 157 20.25 -28.28 15.84
N VAL C 158 19.83 -29.40 15.24
CA VAL C 158 20.61 -30.62 15.26
C VAL C 158 20.88 -31.11 13.84
N ILE C 159 21.93 -31.92 13.71
CA ILE C 159 22.34 -32.47 12.42
C ILE C 159 22.60 -33.95 12.59
N PHE C 160 21.85 -34.77 11.85
CA PHE C 160 21.95 -36.22 11.97
C PHE C 160 23.21 -36.79 11.29
N ASP C 161 23.80 -37.81 11.90
CA ASP C 161 25.03 -38.39 11.35
C ASP C 161 24.78 -38.95 9.96
N ALA C 162 23.60 -39.52 9.74
CA ALA C 162 23.22 -40.01 8.43
C ALA C 162 21.84 -39.51 8.08
N VAL C 163 21.58 -39.35 6.78
CA VAL C 163 20.27 -38.91 6.31
C VAL C 163 19.25 -39.88 6.92
N THR C 164 18.16 -39.33 7.44
CA THR C 164 17.22 -40.15 8.21
C THR C 164 15.78 -39.69 8.04
N LYS C 165 14.86 -40.46 8.59
CA LYS C 165 13.45 -40.16 8.67
C LYS C 165 13.18 -40.08 10.17
N LEU C 166 12.73 -38.93 10.64
CA LEU C 166 12.57 -38.69 12.07
C LEU C 166 11.58 -37.54 12.34
N SER C 167 10.62 -37.83 13.22
CA SER C 167 9.79 -36.81 13.84
C SER C 167 9.91 -36.98 15.34
N THR C 168 10.05 -35.86 16.03
CA THR C 168 10.15 -35.83 17.49
C THR C 168 9.08 -34.87 18.02
N GLN C 169 8.52 -35.19 19.18
CA GLN C 169 7.42 -34.42 19.77
C GLN C 169 7.87 -33.39 20.78
N PHE C 170 7.28 -32.21 20.69
CA PHE C 170 7.45 -31.22 21.74
C PHE C 170 6.08 -30.70 22.17
N VAL C 171 6.06 -30.10 23.35
CA VAL C 171 4.82 -29.66 23.97
C VAL C 171 4.87 -28.18 24.32
N LEU C 172 3.86 -27.43 23.89
CA LEU C 172 3.67 -26.06 24.38
C LEU C 172 2.59 -26.14 25.47
N PRO C 173 2.96 -25.86 26.73
CA PRO C 173 2.01 -26.10 27.82
C PRO C 173 0.79 -25.17 27.77
N ASN C 174 -0.34 -25.59 28.37
CA ASN C 174 -1.49 -24.69 28.35
C ASN C 174 -1.48 -23.69 29.51
N SER C 175 -0.52 -23.82 30.41
CA SER C 175 -0.30 -22.81 31.43
C SER C 175 1.14 -22.88 31.94
N SER C 176 1.54 -21.82 32.63
CA SER C 176 2.85 -21.71 33.26
C SER C 176 2.69 -20.82 34.49
N ASP C 177 3.03 -21.37 35.63
CA ASP C 177 2.66 -20.82 36.95
C ASP C 177 1.18 -20.45 36.95
N GLY C 178 0.85 -19.22 37.25
CA GLY C 178 -0.55 -18.77 37.27
C GLY C 178 -1.11 -18.23 35.94
N VAL C 179 -0.37 -18.34 34.86
CA VAL C 179 -0.81 -17.76 33.60
C VAL C 179 -1.38 -18.86 32.68
N SER C 180 -2.57 -18.66 32.09
CA SER C 180 -3.01 -19.53 30.98
C SER C 180 -2.26 -19.12 29.70
N CYS C 181 -1.54 -20.04 29.09
CA CYS C 181 -0.85 -19.72 27.85
C CYS C 181 -1.85 -20.02 26.77
N THR C 182 -2.77 -19.10 26.50
CA THR C 182 -3.72 -19.25 25.41
C THR C 182 -2.99 -19.11 24.06
N LYS C 183 -1.80 -18.48 24.09
CA LYS C 183 -0.91 -18.56 22.95
C LYS C 183 0.58 -18.45 23.33
N HIS C 184 1.42 -18.87 22.39
CA HIS C 184 2.86 -18.88 22.55
C HIS C 184 3.52 -18.21 21.36
N LEU C 185 4.55 -17.41 21.66
CA LEU C 185 5.47 -16.86 20.68
C LEU C 185 6.70 -17.78 20.65
N VAL C 186 6.89 -18.43 19.48
CA VAL C 186 7.87 -19.45 19.28
C VAL C 186 8.68 -19.16 18.02
N PRO C 187 10.01 -19.19 18.12
CA PRO C 187 10.81 -19.00 16.93
C PRO C 187 10.96 -20.23 16.05
N PHE C 188 11.13 -19.97 14.76
CA PHE C 188 11.46 -20.98 13.76
C PHE C 188 12.56 -20.35 12.90
N CYS C 189 13.77 -20.88 13.04
CA CYS C 189 14.93 -20.32 12.39
C CYS C 189 15.50 -21.33 11.42
N TYR C 190 16.10 -20.82 10.36
CA TYR C 190 16.69 -21.66 9.33
C TYR C 190 17.87 -20.97 8.63
N ILE C 191 18.57 -21.72 7.78
CA ILE C 191 19.72 -21.22 7.07
C ILE C 191 19.44 -21.38 5.60
N ASP C 192 19.26 -20.26 4.91
CA ASP C 192 18.89 -20.28 3.52
C ASP C 192 20.18 -20.25 2.68
N GLY C 193 20.03 -20.22 1.35
CA GLY C 193 21.15 -20.14 0.41
C GLY C 193 21.45 -21.45 -0.28
N GLY C 194 20.41 -22.23 -0.59
CA GLY C 194 20.58 -23.48 -1.32
C GLY C 194 21.06 -24.61 -0.43
N CYS C 195 21.53 -25.69 -1.05
CA CYS C 195 22.01 -26.84 -0.29
C CYS C 195 23.24 -26.45 0.53
N PHE C 196 23.45 -27.24 1.57
CA PHE C 196 24.39 -26.96 2.64
C PHE C 196 25.49 -28.03 2.60
N GLU C 197 26.72 -27.62 2.28
CA GLU C 197 27.81 -28.60 2.08
C GLU C 197 28.48 -28.92 3.39
N MET C 198 28.71 -30.22 3.62
CA MET C 198 29.53 -30.70 4.75
C MET C 198 30.31 -31.93 4.30
N SER C 199 31.62 -31.98 4.60
CA SER C 199 32.48 -33.10 4.21
C SER C 199 32.23 -33.49 2.76
N GLY C 200 32.17 -32.49 1.89
CA GLY C 200 32.04 -32.71 0.45
C GLY C 200 30.66 -33.05 -0.09
N VAL C 201 29.66 -33.26 0.77
CA VAL C 201 28.31 -33.65 0.30
C VAL C 201 27.34 -32.48 0.49
N CYS C 202 26.61 -32.13 -0.57
CA CYS C 202 25.74 -30.98 -0.52
C CYS C 202 24.32 -31.43 -0.17
N HIS C 203 23.86 -31.16 1.05
CA HIS C 203 22.56 -31.69 1.49
C HIS C 203 21.40 -30.69 1.37
N PRO C 204 20.17 -31.18 1.04
CA PRO C 204 19.03 -30.26 1.14
C PRO C 204 18.84 -29.80 2.57
N PHE C 205 18.44 -28.54 2.73
CA PHE C 205 18.30 -27.95 4.06
C PHE C 205 16.84 -27.67 4.34
N GLY C 206 16.32 -28.29 5.38
CA GLY C 206 14.96 -28.00 5.77
C GLY C 206 14.32 -28.91 6.79
N TYR C 207 13.18 -28.45 7.30
CA TYR C 207 12.47 -29.15 8.35
C TYR C 207 11.14 -28.43 8.57
N TYR C 208 10.32 -28.95 9.47
CA TYR C 208 9.09 -28.27 9.77
C TYR C 208 8.49 -28.58 11.14
N TYR C 209 7.61 -27.70 11.61
CA TYR C 209 6.75 -27.97 12.78
C TYR C 209 5.38 -28.34 12.21
N GLU C 210 4.69 -29.30 12.83
CA GLU C 210 3.38 -29.72 12.36
C GLU C 210 2.53 -30.26 13.51
N SER C 211 1.22 -30.11 13.37
CA SER C 211 0.25 -30.84 14.20
C SER C 211 -0.96 -31.05 13.33
N PRO C 212 -2.01 -31.70 13.87
CA PRO C 212 -3.16 -31.80 12.96
C PRO C 212 -3.78 -30.45 12.65
N SER C 213 -3.49 -29.42 13.42
CA SER C 213 -4.05 -28.11 13.12
C SER C 213 -3.00 -27.04 12.80
N PHE C 214 -1.80 -27.45 12.36
CA PHE C 214 -0.68 -26.51 12.17
C PHE C 214 0.44 -27.01 11.25
N TYR C 215 0.98 -26.13 10.40
CA TYR C 215 2.19 -26.36 9.64
C TYR C 215 3.03 -25.08 9.47
N HIS C 216 4.33 -25.14 9.77
CA HIS C 216 5.28 -24.11 9.37
C HIS C 216 6.61 -24.80 9.06
N GLY C 217 7.12 -24.60 7.85
CA GLY C 217 8.33 -25.25 7.40
C GLY C 217 9.27 -24.35 6.58
N PHE C 218 10.44 -24.88 6.27
CA PHE C 218 11.37 -24.29 5.31
C PHE C 218 12.10 -25.44 4.60
N TYR C 219 12.43 -25.22 3.35
CA TYR C 219 13.19 -26.19 2.55
C TYR C 219 13.91 -25.48 1.43
N THR C 220 15.18 -25.84 1.24
CA THR C 220 15.92 -25.47 0.05
C THR C 220 16.85 -26.61 -0.40
N ASN C 221 16.87 -26.83 -1.72
CA ASN C 221 17.82 -27.71 -2.35
C ASN C 221 18.37 -27.04 -3.60
N GLY C 222 18.40 -25.70 -3.63
CA GLY C 222 18.99 -24.96 -4.73
C GLY C 222 20.51 -25.12 -4.79
N THR C 223 21.12 -24.49 -5.80
CA THR C 223 22.57 -24.32 -5.87
C THR C 223 23.03 -23.46 -4.70
N ALA C 224 24.12 -23.85 -4.05
CA ALA C 224 24.75 -23.01 -3.03
C ALA C 224 25.30 -21.74 -3.68
N GLY C 225 25.32 -20.58 -3.02
CA GLY C 225 24.72 -20.35 -1.76
C GLY C 225 25.46 -19.54 -0.73
N LEU C 226 25.49 -18.23 -0.86
CA LEU C 226 25.67 -17.39 0.35
C LEU C 226 24.58 -17.72 1.42
N HIS C 227 25.01 -18.16 2.61
CA HIS C 227 24.08 -18.66 3.62
C HIS C 227 23.76 -17.63 4.69
N SER C 228 22.47 -17.45 5.01
CA SER C 228 22.02 -16.56 6.08
C SER C 228 21.16 -17.30 7.10
N TYR C 229 21.40 -17.03 8.38
CA TYR C 229 20.57 -17.56 9.46
C TYR C 229 19.43 -16.58 9.66
N ILE C 230 18.23 -17.05 9.37
CA ILE C 230 17.00 -16.22 9.37
C ILE C 230 15.97 -16.79 10.36
N CYS C 231 15.25 -15.92 11.05
CA CYS C 231 14.21 -16.35 11.99
C CYS C 231 12.83 -15.83 11.69
N ASP C 232 11.86 -16.74 11.77
CA ASP C 232 10.43 -16.44 11.76
C ASP C 232 9.94 -16.52 13.22
N TYR C 233 8.91 -15.72 13.56
CA TYR C 233 8.38 -15.70 14.91
C TYR C 233 6.91 -16.07 14.78
N LEU C 234 6.53 -17.21 15.36
CA LEU C 234 5.21 -17.78 15.16
C LEU C 234 4.32 -17.59 16.37
N GLU C 235 3.02 -17.44 16.13
CA GLU C 235 2.03 -17.58 17.18
C GLU C 235 1.48 -19.02 17.14
N MET C 236 1.58 -19.75 18.24
CA MET C 236 1.18 -21.14 18.27
C MET C 236 0.31 -21.38 19.49
N LYS C 237 -0.72 -22.19 19.31
CA LYS C 237 -1.59 -22.57 20.43
C LYS C 237 -0.92 -23.61 21.31
N PRO C 238 -1.28 -23.65 22.58
CA PRO C 238 -0.78 -24.77 23.40
C PRO C 238 -1.13 -26.12 22.81
N GLY C 239 -0.32 -27.12 23.06
CA GLY C 239 -0.59 -28.46 22.54
C GLY C 239 0.68 -29.19 22.17
N VAL C 240 0.48 -30.33 21.52
CA VAL C 240 1.52 -31.25 21.18
C VAL C 240 1.83 -31.08 19.69
N TYR C 241 3.11 -30.93 19.37
CA TYR C 241 3.54 -30.75 18.00
C TYR C 241 4.66 -31.72 17.70
N ASN C 242 4.87 -31.96 16.40
CA ASN C 242 6.07 -32.62 15.92
C ASN C 242 7.05 -31.64 15.27
N ALA C 243 8.35 -31.91 15.46
CA ALA C 243 9.40 -31.34 14.65
C ALA C 243 9.90 -32.48 13.76
N THR C 244 9.94 -32.23 12.44
CA THR C 244 10.20 -33.28 11.46
C THR C 244 11.26 -32.84 10.44
N THR C 245 12.21 -33.74 10.13
CA THR C 245 13.26 -33.48 9.16
C THR C 245 12.89 -33.93 7.75
N PHE C 246 13.47 -33.26 6.75
CA PHE C 246 13.58 -33.81 5.38
C PHE C 246 14.81 -34.72 5.18
N GLY C 247 15.73 -34.76 6.12
CA GLY C 247 16.76 -35.81 6.10
C GLY C 247 17.96 -35.58 7.00
N LYS C 248 18.55 -34.39 6.92
CA LYS C 248 19.86 -34.14 7.58
C LYS C 248 19.76 -33.18 8.78
N PHE C 249 18.80 -32.25 8.74
CA PHE C 249 18.62 -31.18 9.74
C PHE C 249 17.26 -31.16 10.42
N LEU C 250 17.27 -30.70 11.66
CA LEU C 250 16.04 -30.49 12.43
C LEU C 250 16.25 -29.39 13.51
N ILE C 251 15.20 -28.60 13.73
CA ILE C 251 15.12 -27.73 14.92
C ILE C 251 13.93 -28.08 15.80
N TYR C 252 14.12 -27.88 17.10
CA TYR C 252 13.00 -27.92 18.04
C TYR C 252 13.10 -26.72 18.98
N PRO C 253 11.96 -26.19 19.42
CA PRO C 253 12.01 -25.04 20.31
C PRO C 253 12.32 -25.47 21.73
N THR C 254 13.00 -24.62 22.49
CA THR C 254 13.32 -24.89 23.88
C THR C 254 12.71 -23.84 24.81
N LYS C 255 12.16 -22.78 24.25
CA LYS C 255 11.52 -21.69 25.00
C LYS C 255 10.40 -21.06 24.20
N SER C 256 9.48 -20.41 24.92
CA SER C 256 8.50 -19.55 24.26
C SER C 256 8.15 -18.44 25.20
N TYR C 257 7.48 -17.40 24.67
CA TYR C 257 6.79 -16.44 25.50
C TYR C 257 5.35 -16.91 25.62
N CYS C 258 4.97 -17.27 26.83
CA CYS C 258 3.60 -17.69 27.17
C CYS C 258 2.77 -16.45 27.36
N MET C 259 1.61 -16.36 26.70
CA MET C 259 0.68 -15.26 26.90
C MET C 259 -0.77 -15.68 27.05
N ASP C 260 -1.49 -14.98 27.91
CA ASP C 260 -2.95 -15.15 27.98
C ASP C 260 -3.63 -14.16 27.01
N THR C 261 -4.95 -14.12 27.03
CA THR C 261 -5.72 -13.27 26.09
C THR C 261 -6.64 -12.30 26.82
N MET C 262 -6.64 -11.00 26.46
CA MET C 262 -7.66 -10.05 26.98
C MET C 262 -8.78 -9.92 25.95
N ASN C 263 -9.98 -9.52 26.36
CA ASN C 263 -11.10 -9.25 25.43
C ASN C 263 -10.83 -8.02 24.55
N TYR C 264 -10.43 -6.94 25.22
CA TYR C 264 -10.29 -5.63 24.62
C TYR C 264 -8.80 -5.38 24.34
N THR C 265 -8.48 -5.31 23.06
CA THR C 265 -7.15 -4.94 22.59
C THR C 265 -6.73 -3.55 23.02
N VAL C 266 -5.57 -3.45 23.65
CA VAL C 266 -5.03 -2.21 24.06
C VAL C 266 -3.58 -2.08 23.51
N PRO C 267 -3.31 -1.07 22.66
CA PRO C 267 -1.98 -0.90 22.07
C PRO C 267 -0.89 -0.79 23.14
N VAL C 268 0.24 -1.44 22.92
CA VAL C 268 1.39 -1.29 23.77
C VAL C 268 2.19 0.00 23.43
N GLN C 269 3.10 0.34 24.31
CA GLN C 269 3.92 1.51 24.19
C GLN C 269 5.38 1.07 24.17
N ALA C 270 6.18 1.63 23.28
CA ALA C 270 7.62 1.30 23.18
C ALA C 270 8.46 2.58 23.05
N VAL C 271 9.50 2.70 23.85
CA VAL C 271 10.37 3.86 23.83
C VAL C 271 11.68 3.45 23.17
N GLN C 272 12.17 4.32 22.29
CA GLN C 272 13.39 4.04 21.53
C GLN C 272 14.52 3.65 22.45
N SER C 273 15.17 2.53 22.14
CA SER C 273 16.24 1.94 22.99
C SER C 273 17.53 1.88 22.20
N ILE C 274 18.43 2.83 22.45
CA ILE C 274 19.64 3.00 21.62
C ILE C 274 20.86 3.28 22.46
N TRP C 275 22.03 3.24 21.84
CA TRP C 275 23.27 3.62 22.50
C TRP C 275 23.60 5.09 22.22
N SER C 276 24.50 5.66 23.03
CA SER C 276 25.12 6.93 22.67
C SER C 276 25.78 6.78 21.32
N GLU C 277 26.16 7.91 20.75
CA GLU C 277 26.72 7.95 19.41
C GLU C 277 28.13 7.34 19.28
N ASN C 278 28.81 7.00 20.38
CA ASN C 278 30.08 6.21 20.29
C ASN C 278 29.88 4.78 19.75
N ARG C 279 28.64 4.25 19.76
CA ARG C 279 28.33 2.89 19.33
C ARG C 279 27.30 2.86 18.23
N GLN C 280 27.30 1.79 17.42
CA GLN C 280 26.27 1.61 16.39
C GLN C 280 24.96 1.08 16.98
N SER C 281 23.88 1.82 16.74
CA SER C 281 22.54 1.39 17.15
C SER C 281 21.77 1.02 15.90
N ASP C 282 20.55 0.54 16.07
CA ASP C 282 19.65 0.34 14.94
C ASP C 282 18.30 0.97 15.24
N ASP C 283 17.42 1.02 14.26
CA ASP C 283 16.04 1.47 14.50
C ASP C 283 15.03 0.31 14.46
N ALA C 284 15.44 -0.86 14.97
CA ALA C 284 14.56 -2.02 15.04
C ALA C 284 13.24 -1.72 15.78
N ILE C 285 13.33 -0.98 16.89
CA ILE C 285 12.15 -0.72 17.70
C ILE C 285 11.18 0.16 16.88
N GLY C 286 11.71 1.15 16.21
CA GLY C 286 10.90 2.01 15.37
C GLY C 286 10.23 1.28 14.20
N GLN C 287 10.92 0.33 13.61
CA GLN C 287 10.36 -0.43 12.49
C GLN C 287 9.29 -1.38 12.99
N ALA C 288 9.46 -1.88 14.23
CA ALA C 288 8.59 -2.93 14.79
C ALA C 288 7.33 -2.34 15.43
N CYS C 289 7.46 -1.16 16.05
CA CYS C 289 6.37 -0.56 16.83
C CYS C 289 5.51 0.29 15.90
N LYS C 290 4.50 -0.31 15.30
CA LYS C 290 3.70 0.33 14.25
C LYS C 290 2.24 0.44 14.71
N SER C 291 1.58 1.50 14.29
CA SER C 291 0.15 1.60 14.39
C SER C 291 -0.38 0.39 13.63
N PRO C 292 -1.48 -0.21 14.08
CA PRO C 292 -2.33 0.21 15.21
C PRO C 292 -2.09 -0.49 16.55
N TYR C 293 -1.07 -1.34 16.65
CA TYR C 293 -0.91 -2.20 17.83
C TYR C 293 0.10 -1.64 18.84
N CYS C 294 0.87 -0.62 18.44
CA CYS C 294 1.96 -0.11 19.27
C CYS C 294 2.12 1.39 19.03
N ILE C 295 2.32 2.14 20.10
CA ILE C 295 2.60 3.56 20.10
C ILE C 295 4.10 3.78 20.37
N PHE C 296 4.82 4.24 19.34
CA PHE C 296 6.26 4.44 19.43
C PHE C 296 6.61 5.85 19.89
N TYR C 297 7.45 5.95 20.94
CA TYR C 297 8.05 7.21 21.35
C TYR C 297 9.57 7.23 21.02
N ASN C 298 9.89 7.89 19.91
CA ASN C 298 11.25 8.02 19.44
C ASN C 298 12.01 9.04 20.26
N LYS C 299 13.33 8.92 20.27
CA LYS C 299 14.17 10.01 20.76
C LYS C 299 14.38 11.02 19.60
N THR C 300 14.32 12.30 19.92
CA THR C 300 14.58 13.37 18.97
C THR C 300 16.00 13.91 19.12
N LYS C 301 16.65 13.59 20.25
CA LYS C 301 18.05 13.94 20.53
C LYS C 301 18.89 12.67 20.67
N PRO C 302 20.23 12.82 20.67
CA PRO C 302 21.08 11.64 21.04
C PRO C 302 20.90 11.17 22.49
N TYR C 303 21.35 9.95 22.78
CA TYR C 303 21.44 9.47 24.16
C TYR C 303 22.59 10.23 24.88
N LEU C 304 22.23 10.98 25.91
CA LEU C 304 23.09 11.92 26.57
C LEU C 304 22.77 11.89 28.06
N ALA C 305 23.76 11.42 28.83
CA ALA C 305 23.65 11.21 30.28
C ALA C 305 24.74 11.95 31.07
N PRO C 306 24.75 13.29 31.01
CA PRO C 306 25.77 14.03 31.78
C PRO C 306 25.60 13.92 33.30
N ASN C 307 24.42 13.57 33.78
CA ASN C 307 24.17 13.31 35.21
C ASN C 307 24.02 11.81 35.51
N GLY C 308 24.30 10.96 34.52
CA GLY C 308 24.11 9.50 34.66
C GLY C 308 25.32 8.78 35.19
N ALA C 309 25.25 7.45 35.20
CA ALA C 309 26.33 6.62 35.71
C ALA C 309 27.49 6.60 34.72
N ASP C 310 27.19 6.62 33.43
CA ASP C 310 28.18 6.62 32.35
C ASP C 310 27.45 7.09 31.10
N GLU C 311 28.14 7.15 29.96
CA GLU C 311 27.59 7.76 28.74
C GLU C 311 26.38 6.99 28.16
N ASN C 312 26.15 5.73 28.57
CA ASN C 312 25.00 4.95 28.12
C ASN C 312 23.94 4.61 29.17
N HIS C 313 24.00 5.24 30.33
CA HIS C 313 22.97 5.01 31.35
C HIS C 313 22.61 6.32 32.07
N GLY C 314 21.41 6.83 31.83
CA GLY C 314 20.93 8.07 32.47
C GLY C 314 20.63 9.18 31.48
N ASP C 315 19.85 8.86 30.43
CA ASP C 315 19.54 9.84 29.39
C ASP C 315 18.56 10.90 29.88
N GLU C 316 18.89 12.18 29.66
CA GLU C 316 18.02 13.30 30.04
C GLU C 316 16.66 13.23 29.35
N GLU C 317 16.66 12.97 28.04
CA GLU C 317 15.42 13.00 27.26
C GLU C 317 14.45 11.89 27.72
N VAL C 318 14.94 10.66 27.77
CA VAL C 318 14.13 9.52 28.23
C VAL C 318 13.68 9.71 29.70
N ARG C 319 14.58 10.16 30.57
CA ARG C 319 14.18 10.53 31.93
C ARG C 319 12.98 11.50 31.93
N GLN C 320 13.02 12.54 31.11
CA GLN C 320 11.86 13.43 31.02
C GLN C 320 10.61 12.73 30.47
N MET C 321 10.76 11.94 29.42
CA MET C 321 9.61 11.21 28.90
C MET C 321 8.97 10.34 30.00
N MET C 322 9.81 9.65 30.77
CA MET C 322 9.33 8.69 31.77
C MET C 322 8.68 9.31 33.00
N GLN C 323 8.88 10.61 33.23
CA GLN C 323 8.10 11.33 34.26
C GLN C 323 6.58 11.18 34.03
N GLY C 324 6.20 11.03 32.77
CA GLY C 324 4.79 10.84 32.42
C GLY C 324 4.18 9.60 33.05
N LEU C 325 4.99 8.61 33.40
CA LEU C 325 4.46 7.45 34.11
C LEU C 325 4.14 7.70 35.58
N LEU C 326 4.48 8.88 36.12
CA LEU C 326 4.14 9.21 37.52
C LEU C 326 2.72 9.76 37.60
N VAL C 327 2.18 10.18 36.45
CA VAL C 327 0.86 10.81 36.41
C VAL C 327 -0.25 9.73 36.29
N ASN C 328 -1.37 10.00 36.96
CA ASN C 328 -2.60 9.23 36.74
C ASN C 328 -3.33 9.89 35.57
N SER C 329 -3.13 9.36 34.37
CA SER C 329 -3.58 10.05 33.15
C SER C 329 -4.96 9.58 32.74
N SER C 330 -5.57 10.30 31.82
CA SER C 330 -6.82 9.81 31.27
C SER C 330 -6.70 9.48 29.75
N CYS C 331 -5.61 9.91 29.11
CA CYS C 331 -5.39 9.66 27.68
C CYS C 331 -3.93 9.27 27.41
N VAL C 332 -3.72 8.22 26.64
CA VAL C 332 -2.40 7.80 26.14
C VAL C 332 -2.41 7.87 24.61
N SER C 333 -1.40 8.49 24.01
CA SER C 333 -1.38 8.75 22.58
C SER C 333 0.04 8.87 22.01
N PRO C 334 0.18 8.87 20.67
CA PRO C 334 1.53 9.12 20.11
C PRO C 334 2.10 10.51 20.46
N GLN C 335 1.25 11.45 20.83
CA GLN C 335 1.70 12.79 21.24
C GLN C 335 2.05 12.81 22.72
N GLY C 336 1.80 11.71 23.40
CA GLY C 336 2.05 11.58 24.83
C GLY C 336 0.77 11.56 25.65
N SER C 337 0.89 11.82 26.96
CA SER C 337 -0.20 11.57 27.89
C SER C 337 -0.85 12.88 28.33
N THR C 338 -2.11 12.81 28.70
CA THR C 338 -2.81 13.97 29.27
C THR C 338 -3.69 13.54 30.44
N PRO C 339 -3.83 14.40 31.46
CA PRO C 339 -4.95 14.17 32.40
C PRO C 339 -6.30 14.51 31.72
N LEU C 340 -7.40 14.42 32.47
CA LEU C 340 -8.71 14.67 31.89
C LEU C 340 -8.84 16.13 31.51
N ALA C 341 -9.13 16.39 30.24
CA ALA C 341 -9.33 17.76 29.80
C ALA C 341 -10.19 17.85 28.53
N LEU C 342 -10.68 19.03 28.24
CA LEU C 342 -11.60 19.26 27.14
C LEU C 342 -10.81 19.46 25.85
N TYR C 343 -9.82 20.37 25.90
CA TYR C 343 -9.09 20.74 24.70
C TYR C 343 -7.61 20.44 24.80
N SER C 344 -7.04 20.20 23.62
CA SER C 344 -5.63 19.91 23.44
C SER C 344 -5.01 21.04 22.67
N SER C 345 -3.76 21.37 22.99
CA SER C 345 -3.01 22.41 22.26
C SER C 345 -2.58 21.92 20.86
N GLU C 346 -2.65 20.61 20.63
CA GLU C 346 -2.22 20.00 19.39
C GLU C 346 -3.15 18.82 19.01
N MET C 347 -3.15 18.46 17.74
CA MET C 347 -3.95 17.33 17.27
C MET C 347 -3.42 16.01 17.84
N ILE C 348 -4.34 15.16 18.27
CA ILE C 348 -4.02 13.86 18.83
C ILE C 348 -4.36 12.78 17.82
N TYR C 349 -3.39 11.96 17.46
CA TYR C 349 -3.63 10.94 16.45
C TYR C 349 -3.82 9.54 17.06
N ILE C 350 -4.08 8.54 16.23
CA ILE C 350 -4.13 7.12 16.65
C ILE C 350 -2.78 6.47 16.39
N PRO C 351 -2.47 5.36 17.08
CA PRO C 351 -3.25 4.72 18.14
C PRO C 351 -3.28 5.52 19.41
N ASN C 352 -4.46 5.68 19.98
CA ASN C 352 -4.62 6.25 21.31
C ASN C 352 -5.65 5.47 22.10
N TYR C 353 -5.70 5.65 23.41
CA TYR C 353 -6.83 5.11 24.15
C TYR C 353 -7.08 5.94 25.44
N GLY C 354 -8.22 5.67 26.07
CA GLY C 354 -8.70 6.41 27.25
C GLY C 354 -9.68 7.47 26.81
N SER C 355 -9.71 8.59 27.51
CA SER C 355 -10.53 9.74 27.09
C SER C 355 -9.61 10.92 26.71
N CYS C 356 -9.58 11.26 25.42
CA CYS C 356 -8.65 12.25 24.92
C CYS C 356 -9.29 13.61 24.56
N PRO C 357 -8.59 14.70 24.94
CA PRO C 357 -9.00 16.03 24.59
C PRO C 357 -8.88 16.24 23.08
N GLN C 358 -9.68 17.18 22.56
CA GLN C 358 -9.81 17.44 21.13
C GLN C 358 -9.08 18.73 20.79
N TYR C 359 -8.60 18.86 19.57
CA TYR C 359 -7.81 20.01 19.15
C TYR C 359 -8.65 21.26 19.30
N TYR C 360 -8.15 22.23 20.08
CA TYR C 360 -8.88 23.50 20.35
C TYR C 360 -9.29 24.23 19.09
N LYS C 361 -8.43 24.27 18.08
CA LYS C 361 -8.76 25.00 16.84
C LYS C 361 -10.07 24.54 16.17
N LEU C 362 -10.54 23.33 16.49
CA LEU C 362 -11.74 22.79 15.82
C LEU C 362 -13.04 23.41 16.34
N PHE C 363 -13.00 24.01 17.53
CA PHE C 363 -14.21 24.53 18.20
C PHE C 363 -14.47 26.06 18.14
#